data_3GAZ
#
_entry.id   3GAZ
#
_cell.length_a   69.328
_cell.length_b   80.694
_cell.length_c   110.962
_cell.angle_alpha   90.00
_cell.angle_beta   90.00
_cell.angle_gamma   90.00
#
_symmetry.space_group_name_H-M   'P 21 21 21'
#
loop_
_entity.id
_entity.type
_entity.pdbx_description
1 polymer 'Alcohol dehydrogenase superfamily protein'
2 non-polymer 'CALCIUM ION'
3 water water
#
_entity_poly.entity_id   1
_entity_poly.type   'polypeptide(L)'
_entity_poly.pdbx_seq_one_letter_code
;(MSE)SLTTPT(MSE)IAAVVEEANGPFVLRKLARPQPAPGQVLVQIEASGTNPLDAKIRAGEAPHAQQPLPAILG
(MSE)DLAGTVVAVGPEVDSFRVGDAVFGLTGGVGGLQGTHAQFAAVDARLLASKPAALT(MSE)RQASVLPLVFITAWE
GLVDRAQVQDGQTVLIQGGGGGVGHVAIQIALARGARVFATARGSDLEYVRDLGATPIDASREPEDYAAEHTAGQGFDLV
YDTLGGPVLDASFSAVKRFGHVVSCLGWGTHKLAPLSFKQATYSGVFTLHTLLANEGLAHFGE(MSE)LREADALVQTGK
LAPRLDPRTFSIAEIGSAYDAVLGRNDVPRQRGKIAITVEGHHHHHH
;
_entity_poly.pdbx_strand_id   A,B
#
loop_
_chem_comp.id
_chem_comp.type
_chem_comp.name
_chem_comp.formula
CA non-polymer 'CALCIUM ION' 'Ca 2'
#
# COMPACT_ATOMS: atom_id res chain seq x y z
N PRO A 6 13.26 13.53 -16.25
CA PRO A 6 13.90 12.27 -16.67
C PRO A 6 12.99 11.05 -16.45
N THR A 7 13.21 10.02 -17.25
CA THR A 7 12.40 8.82 -17.18
C THR A 7 13.24 7.60 -16.81
N MSE A 8 12.59 6.44 -16.80
CA MSE A 8 13.25 5.18 -16.49
C MSE A 8 12.45 4.06 -17.15
O MSE A 8 11.30 4.25 -17.54
CB MSE A 8 13.32 4.93 -14.97
CG MSE A 8 11.98 4.58 -14.29
SE MSE A 8 12.15 3.90 -12.58
CE MSE A 8 10.40 3.75 -12.11
N ILE A 9 13.07 2.89 -17.28
CA ILE A 9 12.41 1.74 -17.86
C ILE A 9 11.99 0.85 -16.67
N ALA A 10 10.77 0.33 -16.71
CA ALA A 10 10.29 -0.54 -15.65
C ALA A 10 9.34 -1.56 -16.25
N ALA A 11 9.22 -2.70 -15.59
CA ALA A 11 8.33 -3.76 -16.04
C ALA A 11 7.06 -3.60 -15.21
N VAL A 12 5.93 -3.49 -15.89
CA VAL A 12 4.66 -3.32 -15.21
C VAL A 12 3.70 -4.47 -15.50
N VAL A 13 3.10 -5.01 -14.44
CA VAL A 13 2.10 -6.04 -14.61
C VAL A 13 0.81 -5.23 -14.59
N GLU A 14 0.13 -5.19 -15.73
CA GLU A 14 -1.08 -4.38 -15.87
C GLU A 14 -2.35 -5.01 -15.29
N GLU A 15 -2.49 -6.31 -15.46
CA GLU A 15 -3.66 -7.01 -14.94
C GLU A 15 -3.30 -8.42 -14.50
N ALA A 16 -4.18 -9.05 -13.74
CA ALA A 16 -3.96 -10.40 -13.24
C ALA A 16 -3.47 -11.32 -14.35
N ASN A 17 -2.37 -12.03 -14.07
CA ASN A 17 -1.77 -12.97 -15.01
C ASN A 17 -1.28 -12.34 -16.30
N GLY A 18 -1.25 -11.02 -16.34
CA GLY A 18 -0.79 -10.34 -17.54
C GLY A 18 0.71 -10.43 -17.69
N PRO A 19 1.25 -10.09 -18.88
CA PRO A 19 2.68 -10.14 -19.12
C PRO A 19 3.42 -8.99 -18.43
N PHE A 20 4.73 -9.12 -18.29
CA PHE A 20 5.53 -8.07 -17.70
C PHE A 20 5.76 -7.09 -18.84
N VAL A 21 5.10 -5.94 -18.77
CA VAL A 21 5.20 -4.94 -19.83
C VAL A 21 6.25 -3.88 -19.56
N LEU A 22 7.25 -3.80 -20.44
CA LEU A 22 8.28 -2.78 -20.29
C LEU A 22 7.68 -1.43 -20.67
N ARG A 23 7.84 -0.45 -19.79
CA ARG A 23 7.29 0.89 -20.00
C ARG A 23 8.31 1.98 -19.63
N LYS A 24 8.24 3.12 -20.30
CA LYS A 24 9.12 4.23 -19.97
C LYS A 24 8.26 5.13 -19.09
N LEU A 25 8.62 5.25 -17.81
CA LEU A 25 7.85 6.04 -16.86
C LEU A 25 8.68 7.11 -16.19
N ALA A 26 8.00 7.98 -15.46
CA ALA A 26 8.68 9.05 -14.73
C ALA A 26 9.68 8.42 -13.75
N ARG A 27 10.88 8.98 -13.69
CA ARG A 27 11.88 8.47 -12.77
C ARG A 27 11.55 9.01 -11.39
N PRO A 28 11.51 8.14 -10.37
CA PRO A 28 11.19 8.55 -9.01
C PRO A 28 12.20 9.58 -8.48
N GLN A 29 11.72 10.42 -7.56
CA GLN A 29 12.55 11.44 -6.93
C GLN A 29 12.56 11.18 -5.45
N PRO A 30 13.74 11.18 -4.83
CA PRO A 30 13.89 10.93 -3.39
C PRO A 30 13.35 12.03 -2.47
N ALA A 31 12.46 11.64 -1.57
CA ALA A 31 11.89 12.57 -0.60
C ALA A 31 12.84 12.59 0.58
N PRO A 32 12.62 13.49 1.55
CA PRO A 32 13.53 13.51 2.70
C PRO A 32 13.56 12.13 3.34
N GLY A 33 14.74 11.68 3.73
CA GLY A 33 14.85 10.36 4.34
C GLY A 33 15.04 9.23 3.35
N GLN A 34 14.90 9.53 2.05
CA GLN A 34 15.07 8.52 1.01
C GLN A 34 16.32 8.74 0.18
N VAL A 35 16.73 7.70 -0.55
CA VAL A 35 17.87 7.79 -1.46
C VAL A 35 17.36 7.18 -2.76
N LEU A 36 17.87 7.64 -3.89
CA LEU A 36 17.46 7.11 -5.17
C LEU A 36 18.45 6.01 -5.52
N VAL A 37 17.94 4.80 -5.69
CA VAL A 37 18.80 3.68 -6.01
C VAL A 37 18.74 3.30 -7.48
N GLN A 38 19.91 3.21 -8.10
CA GLN A 38 19.97 2.79 -9.49
C GLN A 38 20.09 1.29 -9.32
N ILE A 39 19.02 0.58 -9.65
CA ILE A 39 18.97 -0.87 -9.49
C ILE A 39 19.76 -1.63 -10.54
N GLU A 40 20.70 -2.46 -10.08
CA GLU A 40 21.52 -3.26 -10.98
C GLU A 40 21.05 -4.71 -11.03
N ALA A 41 20.47 -5.19 -9.93
CA ALA A 41 19.95 -6.55 -9.85
C ALA A 41 18.69 -6.57 -8.99
N SER A 42 17.68 -7.31 -9.47
CA SER A 42 16.41 -7.43 -8.78
C SER A 42 16.22 -8.89 -8.38
N GLY A 43 16.04 -9.13 -7.08
CA GLY A 43 15.87 -10.49 -6.60
C GLY A 43 14.41 -10.93 -6.63
N THR A 44 14.15 -12.08 -7.22
CA THR A 44 12.77 -12.59 -7.31
C THR A 44 12.37 -13.41 -6.10
N ASN A 45 11.06 -13.58 -5.94
CA ASN A 45 10.53 -14.39 -4.85
C ASN A 45 9.19 -14.96 -5.30
N PRO A 46 8.87 -16.19 -4.88
CA PRO A 46 7.61 -16.83 -5.26
C PRO A 46 6.39 -15.92 -5.06
N LEU A 47 6.37 -15.15 -3.97
CA LEU A 47 5.23 -14.27 -3.69
C LEU A 47 4.92 -13.33 -4.86
N ASP A 48 5.95 -12.86 -5.57
CA ASP A 48 5.76 -11.97 -6.70
C ASP A 48 4.79 -12.58 -7.73
N ALA A 49 4.93 -13.88 -7.96
CA ALA A 49 4.07 -14.58 -8.92
C ALA A 49 2.65 -14.67 -8.39
N LYS A 50 2.50 -14.85 -7.08
CA LYS A 50 1.17 -14.91 -6.51
C LYS A 50 0.50 -13.56 -6.69
N ILE A 51 1.31 -12.50 -6.54
CA ILE A 51 0.79 -11.14 -6.70
C ILE A 51 0.44 -10.89 -8.17
N ARG A 52 1.26 -11.40 -9.08
CA ARG A 52 1.03 -11.23 -10.51
C ARG A 52 -0.31 -11.87 -10.89
N ALA A 53 -0.62 -13.00 -10.27
CA ALA A 53 -1.86 -13.71 -10.53
C ALA A 53 -3.04 -13.07 -9.79
N GLY A 54 -2.75 -12.05 -8.99
CA GLY A 54 -3.80 -11.37 -8.25
C GLY A 54 -4.40 -12.25 -7.17
N GLU A 55 -3.58 -13.13 -6.60
CA GLU A 55 -4.06 -14.04 -5.56
C GLU A 55 -3.22 -13.95 -4.30
N ALA A 56 -2.72 -12.75 -4.00
CA ALA A 56 -1.90 -12.52 -2.81
C ALA A 56 -2.45 -11.37 -1.98
N PRO A 57 -3.63 -11.58 -1.36
CA PRO A 57 -4.27 -10.56 -0.53
C PRO A 57 -3.39 -10.02 0.61
N HIS A 58 -2.60 -10.89 1.23
CA HIS A 58 -1.74 -10.47 2.33
C HIS A 58 -0.65 -9.50 1.87
N ALA A 59 -0.40 -9.45 0.56
CA ALA A 59 0.63 -8.58 0.01
C ALA A 59 0.13 -7.15 -0.21
N GLN A 60 -1.18 -6.98 -0.31
CA GLN A 60 -1.76 -5.66 -0.52
C GLN A 60 -1.06 -4.93 -1.67
N GLN A 61 -0.90 -5.63 -2.78
CA GLN A 61 -0.25 -5.06 -3.96
C GLN A 61 -1.18 -5.19 -5.18
N PRO A 62 -2.20 -4.34 -5.27
CA PRO A 62 -3.12 -4.41 -6.41
C PRO A 62 -2.44 -3.97 -7.70
N LEU A 63 -2.98 -4.44 -8.83
CA LEU A 63 -2.44 -4.10 -10.14
C LEU A 63 -3.26 -2.96 -10.74
N PRO A 64 -2.69 -2.22 -11.71
CA PRO A 64 -1.34 -2.40 -12.26
C PRO A 64 -0.26 -2.05 -11.25
N ALA A 65 0.93 -2.63 -11.42
CA ALA A 65 2.01 -2.33 -10.50
C ALA A 65 3.34 -2.92 -10.96
N ILE A 66 4.42 -2.35 -10.40
CA ILE A 66 5.77 -2.82 -10.68
C ILE A 66 6.04 -3.78 -9.54
N LEU A 67 6.36 -5.03 -9.86
CA LEU A 67 6.61 -6.04 -8.83
C LEU A 67 8.10 -6.23 -8.53
N GLY A 68 8.41 -7.14 -7.62
CA GLY A 68 9.79 -7.39 -7.23
C GLY A 68 10.01 -6.75 -5.87
N MSE A 69 10.52 -7.51 -4.91
CA MSE A 69 10.72 -6.99 -3.56
C MSE A 69 12.16 -6.71 -3.14
O MSE A 69 12.42 -5.80 -2.36
CB MSE A 69 10.08 -7.97 -2.56
CG MSE A 69 8.65 -8.38 -2.90
SE MSE A 69 8.00 -9.69 -1.82
CE MSE A 69 8.32 -11.05 -2.73
N ASP A 70 13.10 -7.50 -3.67
CA ASP A 70 14.52 -7.35 -3.33
C ASP A 70 15.32 -6.60 -4.40
N LEU A 71 16.34 -5.87 -3.95
CA LEU A 71 17.20 -5.16 -4.89
C LEU A 71 18.65 -5.08 -4.43
N ALA A 72 19.50 -4.71 -5.38
CA ALA A 72 20.92 -4.51 -5.14
C ALA A 72 21.30 -3.50 -6.20
N GLY A 73 21.95 -2.43 -5.80
CA GLY A 73 22.34 -1.42 -6.79
C GLY A 73 23.28 -0.37 -6.22
N THR A 74 23.19 0.83 -6.78
CA THR A 74 24.05 1.93 -6.38
C THR A 74 23.22 3.19 -6.11
N VAL A 75 23.62 3.95 -5.10
CA VAL A 75 22.94 5.19 -4.76
C VAL A 75 23.39 6.23 -5.78
N VAL A 76 22.44 6.89 -6.45
CA VAL A 76 22.79 7.90 -7.43
C VAL A 76 22.30 9.29 -7.05
N ALA A 77 21.48 9.35 -6.01
CA ALA A 77 20.95 10.61 -5.51
C ALA A 77 20.47 10.40 -4.09
N VAL A 78 20.60 11.44 -3.26
CA VAL A 78 20.20 11.37 -1.88
C VAL A 78 19.21 12.47 -1.55
N GLY A 79 18.15 12.12 -0.83
CA GLY A 79 17.16 13.12 -0.46
C GLY A 79 17.64 13.91 0.74
N PRO A 80 16.92 14.96 1.13
CA PRO A 80 17.32 15.77 2.30
C PRO A 80 17.25 14.92 3.57
N GLU A 81 17.95 15.37 4.61
CA GLU A 81 17.94 14.67 5.90
C GLU A 81 18.49 13.24 5.88
N VAL A 82 19.33 12.92 4.91
CA VAL A 82 19.93 11.59 4.85
C VAL A 82 21.45 11.68 4.97
N ASP A 83 22.01 10.98 5.95
CA ASP A 83 23.46 11.00 6.16
C ASP A 83 24.06 9.60 6.24
N SER A 84 23.22 8.58 6.13
CA SER A 84 23.67 7.20 6.20
C SER A 84 24.24 6.69 4.88
N PHE A 85 23.95 7.39 3.78
CA PHE A 85 24.45 6.98 2.47
C PHE A 85 24.84 8.17 1.62
N ARG A 86 25.85 7.98 0.77
CA ARG A 86 26.34 9.02 -0.13
C ARG A 86 26.20 8.51 -1.55
N VAL A 87 26.20 9.45 -2.50
CA VAL A 87 26.10 9.08 -3.90
C VAL A 87 27.29 8.17 -4.23
N GLY A 88 27.00 7.04 -4.87
CA GLY A 88 28.05 6.09 -5.23
C GLY A 88 28.09 4.84 -4.36
N ASP A 89 27.43 4.88 -3.20
CA ASP A 89 27.41 3.72 -2.31
C ASP A 89 26.65 2.53 -2.89
N ALA A 90 27.26 1.36 -2.85
CA ALA A 90 26.59 0.15 -3.34
C ALA A 90 25.72 -0.33 -2.18
N VAL A 91 24.46 -0.64 -2.46
CA VAL A 91 23.55 -1.11 -1.42
C VAL A 91 22.64 -2.26 -1.85
N PHE A 92 21.93 -2.83 -0.88
CA PHE A 92 20.97 -3.90 -1.15
C PHE A 92 19.91 -3.89 -0.06
N GLY A 93 18.74 -4.46 -0.35
CA GLY A 93 17.70 -4.49 0.66
C GLY A 93 16.33 -4.93 0.18
N LEU A 94 15.43 -5.13 1.14
CA LEU A 94 14.05 -5.51 0.89
C LEU A 94 13.36 -4.17 0.91
N THR A 95 12.92 -3.70 -0.26
CA THR A 95 12.36 -2.36 -0.35
C THR A 95 10.94 -2.12 -0.82
N GLY A 96 10.33 -3.06 -1.56
CA GLY A 96 8.98 -2.82 -2.01
C GLY A 96 8.33 -4.03 -2.65
N GLY A 97 7.47 -3.80 -3.63
CA GLY A 97 6.80 -4.90 -4.30
C GLY A 97 5.53 -5.31 -3.59
N VAL A 98 5.28 -4.70 -2.43
CA VAL A 98 4.09 -4.99 -1.64
C VAL A 98 3.52 -3.71 -1.02
N GLY A 99 2.27 -3.79 -0.54
CA GLY A 99 1.64 -2.65 0.09
C GLY A 99 1.59 -1.36 -0.72
N GLY A 100 1.60 -1.48 -2.04
CA GLY A 100 1.57 -0.30 -2.89
C GLY A 100 2.93 0.31 -3.18
N LEU A 101 3.98 -0.25 -2.58
CA LEU A 101 5.33 0.26 -2.79
C LEU A 101 5.82 -0.18 -4.16
N GLN A 102 6.50 0.72 -4.87
CA GLN A 102 7.02 0.36 -6.20
C GLN A 102 7.93 -0.85 -6.10
N GLY A 103 7.78 -1.79 -7.03
CA GLY A 103 8.60 -2.98 -7.03
C GLY A 103 10.01 -2.72 -7.55
N THR A 104 10.85 -3.74 -7.54
CA THR A 104 12.23 -3.55 -7.99
C THR A 104 12.50 -3.93 -9.45
N HIS A 105 11.46 -4.29 -10.20
CA HIS A 105 11.62 -4.62 -11.62
C HIS A 105 11.67 -3.26 -12.33
N ALA A 106 12.65 -2.45 -11.96
CA ALA A 106 12.80 -1.11 -12.52
C ALA A 106 14.24 -0.64 -12.46
N GLN A 107 14.60 0.31 -13.31
CA GLN A 107 15.96 0.81 -13.33
C GLN A 107 16.26 1.64 -12.08
N PHE A 108 15.23 2.26 -11.49
CA PHE A 108 15.40 3.08 -10.31
C PHE A 108 14.30 2.89 -9.27
N ALA A 109 14.59 3.27 -8.04
CA ALA A 109 13.62 3.19 -6.96
C ALA A 109 14.02 4.15 -5.84
N ALA A 110 13.05 4.94 -5.38
CA ALA A 110 13.28 5.88 -4.29
C ALA A 110 12.97 5.06 -3.03
N VAL A 111 13.99 4.87 -2.20
CA VAL A 111 13.84 4.03 -1.01
C VAL A 111 14.22 4.69 0.31
N ASP A 112 13.44 4.39 1.36
CA ASP A 112 13.70 4.92 2.68
C ASP A 112 15.05 4.35 3.11
N ALA A 113 15.99 5.23 3.44
CA ALA A 113 17.34 4.83 3.82
C ALA A 113 17.41 3.72 4.87
N ARG A 114 16.45 3.71 5.79
CA ARG A 114 16.42 2.72 6.85
C ARG A 114 16.30 1.27 6.38
N LEU A 115 15.75 1.09 5.18
CA LEU A 115 15.57 -0.24 4.61
C LEU A 115 16.83 -0.76 3.93
N LEU A 116 17.80 0.13 3.71
CA LEU A 116 19.04 -0.24 3.04
C LEU A 116 20.25 -0.48 3.91
N ALA A 117 21.20 -1.23 3.35
CA ALA A 117 22.46 -1.55 4.01
C ALA A 117 23.49 -1.67 2.90
N SER A 118 24.73 -1.29 3.20
CA SER A 118 25.78 -1.38 2.20
C SER A 118 25.86 -2.80 1.68
N LYS A 119 26.10 -2.94 0.37
CA LYS A 119 26.19 -4.26 -0.23
C LYS A 119 27.48 -4.95 0.23
N PRO A 120 27.38 -6.25 0.58
CA PRO A 120 28.58 -6.98 1.01
C PRO A 120 29.60 -6.91 -0.11
N ALA A 121 30.82 -6.50 0.20
CA ALA A 121 31.87 -6.36 -0.79
C ALA A 121 32.17 -7.62 -1.61
N ALA A 122 32.08 -8.77 -0.98
CA ALA A 122 32.38 -10.04 -1.65
C ALA A 122 31.32 -10.58 -2.61
N LEU A 123 30.14 -9.99 -2.62
CA LEU A 123 29.07 -10.46 -3.49
C LEU A 123 28.86 -9.62 -4.74
N THR A 124 28.43 -10.27 -5.82
CA THR A 124 28.13 -9.57 -7.06
C THR A 124 26.73 -8.99 -6.83
N MSE A 125 26.28 -8.10 -7.70
CA MSE A 125 24.96 -7.51 -7.54
C MSE A 125 23.86 -8.59 -7.55
O MSE A 125 22.88 -8.50 -6.81
CB MSE A 125 24.70 -6.47 -8.62
CG MSE A 125 25.49 -5.16 -8.43
SE MSE A 125 24.85 -4.12 -7.07
CE MSE A 125 26.11 -2.83 -6.99
N ARG A 126 24.02 -9.60 -8.40
CA ARG A 126 23.05 -10.67 -8.48
C ARG A 126 22.96 -11.42 -7.16
N GLN A 127 24.12 -11.80 -6.61
CA GLN A 127 24.19 -12.52 -5.34
C GLN A 127 23.53 -11.76 -4.19
N ALA A 128 23.82 -10.47 -4.09
CA ALA A 128 23.27 -9.64 -3.03
C ALA A 128 21.77 -9.42 -3.18
N SER A 129 21.30 -9.32 -4.41
CA SER A 129 19.88 -9.07 -4.67
C SER A 129 18.91 -10.17 -4.21
N VAL A 130 19.38 -11.41 -4.09
CA VAL A 130 18.50 -12.50 -3.68
C VAL A 130 18.57 -12.80 -2.18
N LEU A 131 19.29 -11.98 -1.44
CA LEU A 131 19.46 -12.19 -0.01
C LEU A 131 18.47 -11.53 0.98
N PRO A 132 18.15 -10.24 0.79
CA PRO A 132 17.23 -9.52 1.67
C PRO A 132 16.02 -10.23 2.30
N LEU A 133 14.97 -10.48 1.52
CA LEU A 133 13.78 -11.12 2.07
C LEU A 133 14.01 -12.43 2.82
N VAL A 134 14.65 -13.40 2.17
CA VAL A 134 14.88 -14.67 2.82
C VAL A 134 15.78 -14.57 4.05
N PHE A 135 16.77 -13.69 4.03
CA PHE A 135 17.64 -13.54 5.20
C PHE A 135 16.84 -12.98 6.37
N ILE A 136 16.10 -11.91 6.10
CA ILE A 136 15.26 -11.28 7.11
C ILE A 136 14.24 -12.27 7.64
N THR A 137 13.66 -13.08 6.75
CA THR A 137 12.67 -14.05 7.16
C THR A 137 13.32 -15.07 8.10
N ALA A 138 14.48 -15.58 7.69
CA ALA A 138 15.22 -16.55 8.50
C ALA A 138 15.63 -15.97 9.84
N TRP A 139 16.06 -14.72 9.83
CA TRP A 139 16.51 -14.04 11.05
C TRP A 139 15.39 -13.77 12.04
N GLU A 140 14.24 -13.32 11.56
CA GLU A 140 13.13 -13.03 12.45
C GLU A 140 12.71 -14.28 13.20
N GLY A 141 12.79 -15.43 12.54
CA GLY A 141 12.38 -16.67 13.17
C GLY A 141 13.42 -17.23 14.12
N LEU A 142 14.66 -17.32 13.64
CA LEU A 142 15.75 -17.86 14.44
C LEU A 142 16.25 -16.99 15.57
N VAL A 143 16.29 -15.68 15.36
CA VAL A 143 16.80 -14.77 16.38
C VAL A 143 15.72 -13.99 17.12
N ASP A 144 14.96 -13.17 16.42
CA ASP A 144 13.92 -12.38 17.06
C ASP A 144 12.92 -13.24 17.85
N ARG A 145 12.37 -14.27 17.23
CA ARG A 145 11.40 -15.11 17.93
C ARG A 145 12.02 -16.22 18.80
N ALA A 146 12.91 -17.02 18.23
CA ALA A 146 13.50 -18.13 18.98
C ALA A 146 14.80 -17.87 19.72
N GLN A 147 15.48 -16.77 19.40
CA GLN A 147 16.74 -16.45 20.06
C GLN A 147 17.66 -17.66 20.11
N VAL A 148 17.87 -18.29 18.95
CA VAL A 148 18.72 -19.47 18.88
C VAL A 148 20.01 -19.25 19.65
N GLN A 149 20.34 -20.20 20.52
CA GLN A 149 21.53 -20.13 21.35
C GLN A 149 22.64 -21.09 20.92
N ASP A 150 23.87 -20.75 21.28
CA ASP A 150 25.02 -21.57 20.95
C ASP A 150 24.84 -22.96 21.58
N GLY A 151 25.02 -24.01 20.78
CA GLY A 151 24.88 -25.36 21.31
C GLY A 151 23.51 -26.01 21.14
N GLN A 152 22.51 -25.24 20.76
CA GLN A 152 21.18 -25.80 20.58
C GLN A 152 21.10 -26.60 19.28
N THR A 153 20.26 -27.61 19.27
CA THR A 153 20.07 -28.42 18.07
C THR A 153 18.98 -27.73 17.28
N VAL A 154 19.25 -27.48 16.01
CA VAL A 154 18.30 -26.80 15.13
C VAL A 154 17.99 -27.62 13.89
N LEU A 155 16.70 -27.76 13.59
CA LEU A 155 16.26 -28.50 12.42
C LEU A 155 15.61 -27.53 11.44
N ILE A 156 16.19 -27.40 10.25
CA ILE A 156 15.64 -26.53 9.22
C ILE A 156 14.89 -27.40 8.21
N GLN A 157 13.59 -27.17 8.07
CA GLN A 157 12.77 -27.92 7.12
C GLN A 157 12.82 -27.23 5.76
N GLY A 158 13.42 -27.89 4.78
CA GLY A 158 13.54 -27.30 3.45
C GLY A 158 14.85 -26.53 3.34
N GLY A 159 15.95 -27.19 3.74
CA GLY A 159 17.26 -26.56 3.74
C GLY A 159 17.81 -26.07 2.40
N GLY A 160 17.29 -26.59 1.29
CA GLY A 160 17.78 -26.15 -0.01
C GLY A 160 17.01 -24.95 -0.53
N GLY A 161 15.87 -24.64 0.09
CA GLY A 161 15.05 -23.52 -0.34
C GLY A 161 15.53 -22.12 0.01
N GLY A 162 14.75 -21.12 -0.39
CA GLY A 162 15.10 -19.73 -0.15
C GLY A 162 15.41 -19.37 1.29
N VAL A 163 14.43 -19.51 2.17
CA VAL A 163 14.62 -19.21 3.59
C VAL A 163 15.51 -20.27 4.23
N GLY A 164 15.29 -21.52 3.83
CA GLY A 164 16.04 -22.62 4.38
C GLY A 164 17.57 -22.53 4.34
N HIS A 165 18.13 -22.30 3.16
CA HIS A 165 19.58 -22.25 3.05
C HIS A 165 20.22 -21.12 3.85
N VAL A 166 19.51 -20.00 4.00
CA VAL A 166 20.07 -18.91 4.77
C VAL A 166 19.86 -19.16 6.27
N ALA A 167 18.76 -19.84 6.61
CA ALA A 167 18.48 -20.17 7.99
C ALA A 167 19.57 -21.11 8.51
N ILE A 168 19.99 -22.05 7.66
CA ILE A 168 21.05 -23.00 8.03
C ILE A 168 22.34 -22.26 8.37
N GLN A 169 22.72 -21.33 7.52
CA GLN A 169 23.95 -20.57 7.71
C GLN A 169 23.91 -19.63 8.90
N ILE A 170 22.75 -19.05 9.18
CA ILE A 170 22.63 -18.16 10.33
C ILE A 170 22.79 -18.98 11.60
N ALA A 171 22.05 -20.10 11.67
CA ALA A 171 22.10 -20.99 12.83
C ALA A 171 23.51 -21.49 13.10
N LEU A 172 24.21 -21.92 12.05
CA LEU A 172 25.57 -22.42 12.20
C LEU A 172 26.49 -21.33 12.74
N ALA A 173 26.39 -20.14 12.18
CA ALA A 173 27.21 -19.02 12.61
C ALA A 173 26.99 -18.69 14.08
N ARG A 174 25.76 -18.92 14.57
CA ARG A 174 25.45 -18.62 15.96
C ARG A 174 25.77 -19.76 16.93
N GLY A 175 26.50 -20.75 16.45
CA GLY A 175 26.92 -21.87 17.28
C GLY A 175 26.02 -23.07 17.46
N ALA A 176 24.92 -23.14 16.74
CA ALA A 176 23.99 -24.26 16.88
C ALA A 176 24.43 -25.49 16.08
N ARG A 177 23.92 -26.64 16.48
CA ARG A 177 24.20 -27.88 15.77
C ARG A 177 23.03 -27.99 14.81
N VAL A 178 23.30 -27.75 13.54
CA VAL A 178 22.26 -27.74 12.51
C VAL A 178 22.03 -29.00 11.70
N PHE A 179 20.74 -29.30 11.50
CA PHE A 179 20.28 -30.44 10.73
C PHE A 179 19.24 -29.88 9.76
N ALA A 180 19.14 -30.45 8.56
CA ALA A 180 18.16 -29.95 7.61
C ALA A 180 17.60 -31.02 6.69
N THR A 181 16.28 -30.99 6.49
CA THR A 181 15.63 -31.95 5.61
C THR A 181 15.60 -31.32 4.23
N ALA A 182 15.81 -32.13 3.20
CA ALA A 182 15.83 -31.63 1.84
C ALA A 182 15.61 -32.77 0.86
N ARG A 183 15.30 -32.41 -0.38
CA ARG A 183 15.06 -33.42 -1.40
C ARG A 183 16.37 -33.79 -2.07
N GLY A 184 16.45 -35.04 -2.54
CA GLY A 184 17.63 -35.56 -3.19
C GLY A 184 18.69 -34.59 -3.67
N SER A 185 18.35 -33.84 -4.71
CA SER A 185 19.28 -32.88 -5.31
C SER A 185 19.91 -31.87 -4.35
N ASP A 186 19.22 -31.53 -3.26
CA ASP A 186 19.74 -30.56 -2.31
C ASP A 186 20.51 -31.13 -1.12
N LEU A 187 20.40 -32.44 -0.91
CA LEU A 187 21.08 -33.08 0.22
C LEU A 187 22.58 -32.81 0.24
N GLU A 188 23.19 -32.82 -0.93
CA GLU A 188 24.61 -32.58 -1.07
C GLU A 188 24.93 -31.12 -0.74
N TYR A 189 24.07 -30.22 -1.21
CA TYR A 189 24.25 -28.80 -0.98
C TYR A 189 24.18 -28.49 0.52
N VAL A 190 23.20 -29.06 1.20
CA VAL A 190 23.03 -28.85 2.64
C VAL A 190 24.24 -29.37 3.41
N ARG A 191 24.74 -30.53 3.01
CA ARG A 191 25.91 -31.13 3.65
C ARG A 191 27.08 -30.15 3.52
N ASP A 192 27.26 -29.61 2.31
CA ASP A 192 28.33 -28.67 2.04
C ASP A 192 28.31 -27.45 2.96
N LEU A 193 27.12 -26.94 3.25
CA LEU A 193 26.99 -25.78 4.14
C LEU A 193 27.50 -26.07 5.55
N GLY A 194 27.56 -27.35 5.91
CA GLY A 194 28.02 -27.72 7.23
C GLY A 194 26.92 -28.26 8.14
N ALA A 195 25.77 -28.56 7.54
CA ALA A 195 24.64 -29.08 8.29
C ALA A 195 24.49 -30.56 8.00
N THR A 196 23.85 -31.28 8.91
CA THR A 196 23.62 -32.71 8.73
C THR A 196 22.38 -32.89 7.88
N PRO A 197 22.56 -33.42 6.66
CA PRO A 197 21.42 -33.64 5.75
C PRO A 197 20.49 -34.76 6.17
N ILE A 198 19.20 -34.54 5.92
CA ILE A 198 18.16 -35.52 6.23
C ILE A 198 17.20 -35.58 5.06
N ASP A 199 17.09 -36.76 4.46
CA ASP A 199 16.19 -36.95 3.33
C ASP A 199 14.78 -36.56 3.78
N ALA A 200 14.20 -35.58 3.09
CA ALA A 200 12.87 -35.07 3.43
C ALA A 200 11.75 -36.10 3.42
N SER A 201 12.03 -37.30 2.93
CA SER A 201 11.01 -38.36 2.89
C SER A 201 10.95 -39.14 4.21
N ARG A 202 11.97 -38.98 5.04
CA ARG A 202 12.02 -39.68 6.32
C ARG A 202 11.07 -39.07 7.34
N GLU A 203 10.61 -39.89 8.29
CA GLU A 203 9.69 -39.43 9.33
C GLU A 203 10.45 -38.74 10.45
N PRO A 204 9.80 -37.77 11.13
CA PRO A 204 10.44 -37.03 12.23
C PRO A 204 10.93 -37.97 13.34
N GLU A 205 10.08 -38.93 13.72
CA GLU A 205 10.45 -39.87 14.77
C GLU A 205 11.71 -40.63 14.41
N ASP A 206 11.90 -40.88 13.11
CA ASP A 206 13.07 -41.61 12.67
C ASP A 206 14.33 -40.75 12.67
N TYR A 207 14.30 -39.57 12.05
CA TYR A 207 15.52 -38.75 12.07
C TYR A 207 15.79 -38.15 13.43
N ALA A 208 14.76 -37.99 14.25
CA ALA A 208 14.95 -37.47 15.61
C ALA A 208 15.66 -38.54 16.43
N ALA A 209 15.32 -39.80 16.17
CA ALA A 209 15.94 -40.91 16.88
C ALA A 209 17.43 -41.02 16.51
N GLU A 210 17.73 -40.96 15.22
CA GLU A 210 19.11 -41.08 14.76
C GLU A 210 20.02 -39.94 15.20
N HIS A 211 19.49 -38.73 15.22
CA HIS A 211 20.32 -37.56 15.55
C HIS A 211 20.18 -36.88 16.90
N THR A 212 19.11 -37.16 17.64
CA THR A 212 18.94 -36.52 18.94
C THR A 212 18.60 -37.52 20.04
N ALA A 213 19.04 -38.76 19.85
CA ALA A 213 18.77 -39.81 20.82
C ALA A 213 17.27 -39.89 21.09
N GLY A 214 16.49 -39.53 20.08
CA GLY A 214 15.05 -39.59 20.19
C GLY A 214 14.40 -38.48 21.00
N GLN A 215 15.19 -37.49 21.42
CA GLN A 215 14.66 -36.38 22.22
C GLN A 215 13.96 -35.32 21.37
N GLY A 216 14.45 -35.11 20.15
CA GLY A 216 13.87 -34.10 19.29
C GLY A 216 14.85 -32.95 19.25
N PHE A 217 14.50 -31.87 18.56
CA PHE A 217 15.37 -30.71 18.42
C PHE A 217 14.91 -29.50 19.25
N ASP A 218 15.86 -28.73 19.77
CA ASP A 218 15.53 -27.55 20.57
C ASP A 218 14.72 -26.55 19.75
N LEU A 219 15.11 -26.39 18.49
CA LEU A 219 14.45 -25.43 17.60
C LEU A 219 14.17 -26.00 16.22
N VAL A 220 12.94 -25.84 15.73
CA VAL A 220 12.57 -26.32 14.40
C VAL A 220 12.04 -25.16 13.55
N TYR A 221 12.65 -24.93 12.39
CA TYR A 221 12.19 -23.87 11.53
C TYR A 221 11.52 -24.43 10.28
N ASP A 222 10.20 -24.26 10.21
CA ASP A 222 9.42 -24.72 9.07
C ASP A 222 9.42 -23.64 7.99
N THR A 223 9.99 -23.95 6.84
CA THR A 223 10.00 -22.98 5.74
C THR A 223 9.07 -23.43 4.63
N LEU A 224 8.38 -24.55 4.84
CA LEU A 224 7.48 -25.09 3.82
C LEU A 224 6.00 -24.96 4.15
N GLY A 225 5.65 -25.08 5.42
CA GLY A 225 4.26 -24.96 5.82
C GLY A 225 3.42 -26.20 5.60
N GLY A 226 2.11 -26.06 5.75
CA GLY A 226 1.20 -27.18 5.55
C GLY A 226 1.58 -28.38 6.40
N PRO A 227 1.66 -29.57 5.81
CA PRO A 227 2.01 -30.79 6.54
C PRO A 227 3.40 -30.74 7.18
N VAL A 228 4.29 -29.95 6.58
CA VAL A 228 5.64 -29.83 7.11
C VAL A 228 5.64 -29.18 8.49
N LEU A 229 4.65 -28.32 8.74
CA LEU A 229 4.55 -27.67 10.05
C LEU A 229 4.13 -28.71 11.08
N ASP A 230 3.22 -29.60 10.69
CA ASP A 230 2.79 -30.65 11.60
C ASP A 230 3.98 -31.55 11.93
N ALA A 231 4.80 -31.85 10.92
CA ALA A 231 5.97 -32.68 11.12
C ALA A 231 6.94 -31.98 12.06
N SER A 232 6.97 -30.65 12.00
CA SER A 232 7.84 -29.86 12.85
C SER A 232 7.41 -29.98 14.31
N PHE A 233 6.10 -30.01 14.54
CA PHE A 233 5.57 -30.16 15.89
C PHE A 233 6.00 -31.52 16.41
N SER A 234 6.13 -32.47 15.49
CA SER A 234 6.51 -33.84 15.85
C SER A 234 8.00 -33.98 16.18
N ALA A 235 8.83 -33.19 15.50
CA ALA A 235 10.29 -33.24 15.71
C ALA A 235 10.83 -32.39 16.85
N VAL A 236 10.05 -31.43 17.34
CA VAL A 236 10.52 -30.54 18.40
C VAL A 236 10.66 -31.24 19.76
N LYS A 237 11.68 -30.84 20.51
CA LYS A 237 11.97 -31.40 21.84
C LYS A 237 10.98 -30.83 22.85
N ARG A 238 10.80 -31.51 23.97
CA ARG A 238 9.89 -31.04 25.02
C ARG A 238 10.39 -29.68 25.48
N PHE A 239 9.47 -28.73 25.64
CA PHE A 239 9.80 -27.36 26.04
C PHE A 239 10.48 -26.63 24.88
N GLY A 240 10.58 -27.30 23.74
CA GLY A 240 11.22 -26.71 22.57
C GLY A 240 10.42 -25.62 21.87
N HIS A 241 10.97 -25.07 20.79
CA HIS A 241 10.32 -23.99 20.05
C HIS A 241 10.26 -24.28 18.55
N VAL A 242 9.10 -24.03 17.97
CA VAL A 242 8.90 -24.23 16.53
C VAL A 242 8.50 -22.89 15.91
N VAL A 243 9.14 -22.51 14.82
CA VAL A 243 8.78 -21.27 14.14
C VAL A 243 8.48 -21.58 12.68
N SER A 244 7.61 -20.78 12.08
CA SER A 244 7.25 -20.98 10.68
C SER A 244 7.00 -19.65 10.00
N CYS A 245 7.31 -19.59 8.70
CA CYS A 245 7.09 -18.38 7.92
C CYS A 245 6.00 -18.66 6.90
N LEU A 246 5.27 -19.76 7.09
CA LEU A 246 4.18 -20.16 6.22
C LEU A 246 3.09 -20.85 7.02
N GLY A 247 2.91 -20.42 8.27
CA GLY A 247 1.91 -21.03 9.13
C GLY A 247 0.56 -20.36 9.04
N TRP A 248 -0.07 -20.47 7.88
CA TRP A 248 -1.37 -19.84 7.64
C TRP A 248 -2.55 -20.79 7.77
N GLY A 249 -2.29 -22.08 7.59
CA GLY A 249 -3.38 -23.06 7.66
C GLY A 249 -3.84 -23.45 9.05
N THR A 250 -4.73 -24.43 9.09
CA THR A 250 -5.28 -24.94 10.33
C THR A 250 -4.48 -26.17 10.76
N HIS A 251 -4.08 -26.22 12.02
CA HIS A 251 -3.29 -27.34 12.50
C HIS A 251 -3.73 -27.88 13.85
N LYS A 252 -3.46 -29.16 14.08
CA LYS A 252 -3.78 -29.80 15.35
C LYS A 252 -2.70 -29.35 16.32
N LEU A 253 -3.09 -28.72 17.41
CA LEU A 253 -2.13 -28.21 18.38
C LEU A 253 -1.76 -29.16 19.52
N ALA A 254 -2.44 -30.30 19.61
CA ALA A 254 -2.17 -31.27 20.66
C ALA A 254 -0.69 -31.53 20.97
N PRO A 255 0.14 -31.74 19.93
CA PRO A 255 1.57 -32.01 20.18
C PRO A 255 2.27 -30.95 21.02
N LEU A 256 1.86 -29.69 20.88
CA LEU A 256 2.46 -28.60 21.63
C LEU A 256 2.14 -28.67 23.12
N SER A 257 0.96 -29.21 23.45
CA SER A 257 0.58 -29.35 24.85
C SER A 257 1.30 -30.56 25.43
N PHE A 258 1.23 -31.68 24.72
CA PHE A 258 1.89 -32.91 25.16
C PHE A 258 3.36 -32.66 25.42
N LYS A 259 3.99 -31.87 24.56
CA LYS A 259 5.40 -31.58 24.71
C LYS A 259 5.66 -30.27 25.44
N GLN A 260 4.60 -29.61 25.91
CA GLN A 260 4.74 -28.35 26.63
C GLN A 260 5.68 -27.46 25.83
N ALA A 261 5.49 -27.46 24.52
CA ALA A 261 6.33 -26.71 23.61
C ALA A 261 5.74 -25.37 23.18
N THR A 262 6.52 -24.63 22.39
CA THR A 262 6.11 -23.31 21.92
C THR A 262 6.21 -23.14 20.40
N TYR A 263 5.32 -22.31 19.85
CA TYR A 263 5.30 -22.02 18.42
C TYR A 263 5.19 -20.51 18.18
N SER A 264 5.90 -20.00 17.18
CA SER A 264 5.84 -18.57 16.85
C SER A 264 5.72 -18.40 15.35
N GLY A 265 4.91 -17.43 14.93
CA GLY A 265 4.75 -17.19 13.51
C GLY A 265 5.71 -16.12 13.01
N VAL A 266 5.98 -16.11 11.71
CA VAL A 266 6.88 -15.12 11.12
C VAL A 266 6.18 -14.50 9.92
N PHE A 267 6.15 -13.17 9.87
CA PHE A 267 5.52 -12.45 8.77
C PHE A 267 6.30 -11.16 8.55
N THR A 268 7.34 -11.25 7.73
CA THR A 268 8.23 -10.12 7.45
C THR A 268 7.57 -8.92 6.78
N LEU A 269 6.53 -9.14 6.00
CA LEU A 269 5.88 -8.06 5.28
C LEU A 269 5.25 -6.96 6.12
N HIS A 270 4.83 -7.28 7.35
CA HIS A 270 4.18 -6.27 8.19
C HIS A 270 4.95 -4.98 8.25
N THR A 271 6.27 -5.07 8.36
CA THR A 271 7.09 -3.87 8.43
C THR A 271 6.86 -2.93 7.26
N LEU A 272 6.79 -3.50 6.05
CA LEU A 272 6.58 -2.70 4.85
C LEU A 272 5.13 -2.30 4.65
N LEU A 273 4.20 -3.13 5.11
CA LEU A 273 2.77 -2.85 4.93
C LEU A 273 2.23 -1.82 5.90
N ALA A 274 2.83 -1.78 7.08
CA ALA A 274 2.40 -0.87 8.14
C ALA A 274 3.39 0.25 8.47
N ASN A 275 4.59 0.17 7.90
CA ASN A 275 5.62 1.17 8.16
C ASN A 275 6.05 1.26 9.61
N GLU A 276 6.36 0.12 10.21
CA GLU A 276 6.83 0.12 11.60
C GLU A 276 8.03 -0.81 11.73
N GLY A 277 9.04 -0.36 12.45
CA GLY A 277 10.24 -1.16 12.63
C GLY A 277 11.10 -1.17 11.39
N LEU A 278 10.97 -0.13 10.56
CA LEU A 278 11.75 -0.03 9.32
C LEU A 278 13.25 -0.11 9.56
N ALA A 279 13.72 0.52 10.63
CA ALA A 279 15.15 0.51 10.94
C ALA A 279 15.70 -0.89 11.19
N HIS A 280 14.85 -1.78 11.73
CA HIS A 280 15.28 -3.14 12.01
C HIS A 280 15.71 -3.87 10.74
N PHE A 281 15.12 -3.50 9.60
CA PHE A 281 15.47 -4.13 8.34
C PHE A 281 16.93 -3.90 7.96
N GLY A 282 17.33 -2.63 7.90
CA GLY A 282 18.71 -2.32 7.55
C GLY A 282 19.67 -2.94 8.57
N GLU A 283 19.23 -3.00 9.83
CA GLU A 283 20.05 -3.58 10.88
C GLU A 283 20.29 -5.06 10.62
N MSE A 284 19.23 -5.79 10.26
CA MSE A 284 19.37 -7.21 9.98
C MSE A 284 20.28 -7.44 8.77
O MSE A 284 21.07 -8.37 8.75
CB MSE A 284 18.00 -7.87 9.75
CG MSE A 284 17.17 -8.14 11.02
SE MSE A 284 15.61 -9.07 10.75
CE MSE A 284 14.58 -7.76 10.04
N LEU A 285 20.16 -6.57 7.76
CA LEU A 285 21.00 -6.71 6.57
C LEU A 285 22.46 -6.43 6.87
N ARG A 286 22.71 -5.70 7.95
CA ARG A 286 24.07 -5.40 8.39
C ARG A 286 24.64 -6.68 9.00
N GLU A 287 23.76 -7.44 9.64
CA GLU A 287 24.14 -8.71 10.25
C GLU A 287 24.55 -9.64 9.12
N ALA A 288 23.75 -9.62 8.04
CA ALA A 288 24.03 -10.46 6.88
C ALA A 288 25.39 -10.13 6.28
N ASP A 289 25.67 -8.83 6.14
CA ASP A 289 26.94 -8.36 5.59
C ASP A 289 28.11 -8.84 6.45
N ALA A 290 27.93 -8.78 7.77
CA ALA A 290 28.98 -9.23 8.70
C ALA A 290 29.26 -10.72 8.53
N LEU A 291 28.22 -11.49 8.20
CA LEU A 291 28.38 -12.93 8.01
C LEU A 291 29.04 -13.23 6.67
N VAL A 292 28.73 -12.42 5.66
CA VAL A 292 29.34 -12.62 4.34
C VAL A 292 30.83 -12.33 4.49
N GLN A 293 31.12 -11.23 5.18
CA GLN A 293 32.48 -10.77 5.42
C GLN A 293 33.37 -11.85 6.05
N THR A 294 32.79 -12.65 6.95
CA THR A 294 33.54 -13.71 7.62
C THR A 294 33.43 -15.05 6.89
N GLY A 295 32.86 -15.03 5.69
CA GLY A 295 32.71 -16.24 4.91
C GLY A 295 31.77 -17.27 5.51
N LYS A 296 30.81 -16.81 6.30
CA LYS A 296 29.85 -17.71 6.93
C LYS A 296 28.47 -17.64 6.28
N LEU A 297 28.35 -16.80 5.25
CA LEU A 297 27.08 -16.65 4.55
C LEU A 297 27.27 -16.47 3.05
N ALA A 298 26.63 -17.34 2.29
CA ALA A 298 26.69 -17.30 0.83
C ALA A 298 25.31 -17.63 0.28
N PRO A 299 24.70 -16.69 -0.46
CA PRO A 299 23.37 -16.96 -1.01
C PRO A 299 23.46 -18.04 -2.09
N ARG A 300 22.42 -18.85 -2.21
CA ARG A 300 22.38 -19.87 -3.23
C ARG A 300 21.76 -19.18 -4.44
N LEU A 301 22.58 -18.97 -5.47
CA LEU A 301 22.14 -18.27 -6.67
C LEU A 301 22.12 -19.15 -7.91
N ASP A 302 20.95 -19.29 -8.53
CA ASP A 302 20.84 -20.10 -9.75
C ASP A 302 21.69 -19.36 -10.80
N PRO A 303 22.59 -20.08 -11.49
CA PRO A 303 23.49 -19.54 -12.51
C PRO A 303 22.82 -18.82 -13.68
N ARG A 304 21.56 -19.14 -13.95
CA ARG A 304 20.83 -18.53 -15.04
C ARG A 304 20.67 -17.02 -14.88
N THR A 305 20.73 -16.29 -15.99
CA THR A 305 20.58 -14.84 -15.98
C THR A 305 19.34 -14.43 -16.79
N PHE A 306 18.77 -13.27 -16.42
CA PHE A 306 17.58 -12.74 -17.06
C PHE A 306 17.64 -11.21 -17.07
N SER A 307 17.44 -10.62 -18.24
CA SER A 307 17.46 -9.16 -18.35
C SER A 307 16.09 -8.66 -17.95
N ILE A 308 15.94 -7.34 -17.83
CA ILE A 308 14.67 -6.77 -17.44
C ILE A 308 13.59 -7.12 -18.48
N ALA A 309 14.04 -7.60 -19.64
CA ALA A 309 13.11 -7.98 -20.71
C ALA A 309 12.70 -9.46 -20.67
N GLU A 310 13.30 -10.23 -19.76
CA GLU A 310 12.99 -11.66 -19.68
C GLU A 310 12.45 -12.06 -18.31
N ILE A 311 11.74 -11.15 -17.65
CA ILE A 311 11.20 -11.41 -16.33
C ILE A 311 10.18 -12.53 -16.32
N GLY A 312 9.35 -12.64 -17.35
CA GLY A 312 8.39 -13.72 -17.41
C GLY A 312 9.10 -15.06 -17.36
N SER A 313 10.21 -15.17 -18.10
CA SER A 313 10.99 -16.40 -18.13
C SER A 313 11.66 -16.62 -16.78
N ALA A 314 12.06 -15.54 -16.11
CA ALA A 314 12.70 -15.65 -14.81
C ALA A 314 11.76 -16.33 -13.82
N TYR A 315 10.49 -15.93 -13.80
CA TYR A 315 9.54 -16.54 -12.88
C TYR A 315 9.14 -17.95 -13.28
N ASP A 316 9.21 -18.27 -14.57
CA ASP A 316 8.89 -19.64 -14.99
C ASP A 316 9.92 -20.52 -14.30
N ALA A 317 11.13 -19.98 -14.14
CA ALA A 317 12.21 -20.70 -13.49
C ALA A 317 11.99 -20.77 -11.98
N VAL A 318 11.56 -19.65 -11.40
CA VAL A 318 11.30 -19.62 -9.96
C VAL A 318 10.26 -20.68 -9.59
N LEU A 319 9.27 -20.85 -10.46
CA LEU A 319 8.21 -21.82 -10.20
C LEU A 319 8.38 -23.13 -10.96
N GLY A 320 9.34 -23.18 -11.88
CA GLY A 320 9.54 -24.38 -12.66
C GLY A 320 8.32 -24.62 -13.53
N ARG A 321 7.88 -23.56 -14.21
CA ARG A 321 6.72 -23.63 -15.09
C ARG A 321 7.14 -23.73 -16.54
N ASN A 322 6.21 -24.10 -17.40
CA ASN A 322 6.46 -24.21 -18.82
C ASN A 322 7.74 -24.96 -19.20
N ASP A 323 7.89 -26.16 -18.64
CA ASP A 323 9.04 -27.01 -18.93
C ASP A 323 10.39 -26.57 -18.38
N VAL A 324 10.55 -25.28 -18.09
CA VAL A 324 11.82 -24.78 -17.57
C VAL A 324 12.13 -25.39 -16.21
N PRO A 325 13.39 -25.83 -16.00
CA PRO A 325 13.79 -26.42 -14.73
C PRO A 325 13.62 -25.46 -13.56
N ARG A 326 13.18 -25.98 -12.42
CA ARG A 326 12.97 -25.17 -11.24
C ARG A 326 14.28 -24.55 -10.76
N GLN A 327 14.19 -23.38 -10.13
CA GLN A 327 15.38 -22.70 -9.63
C GLN A 327 16.15 -23.58 -8.66
N ARG A 328 17.47 -23.52 -8.76
CA ARG A 328 18.36 -24.25 -7.86
C ARG A 328 19.07 -23.09 -7.19
N GLY A 329 18.46 -22.63 -6.10
CA GLY A 329 18.96 -21.47 -5.41
C GLY A 329 17.94 -20.44 -5.87
N LYS A 330 18.22 -19.15 -5.74
CA LYS A 330 17.24 -18.15 -6.15
C LYS A 330 17.57 -17.52 -7.51
N ILE A 331 16.55 -16.88 -8.09
CA ILE A 331 16.68 -16.24 -9.40
C ILE A 331 16.82 -14.73 -9.26
N ALA A 332 17.81 -14.17 -9.95
CA ALA A 332 18.05 -12.74 -9.94
C ALA A 332 17.93 -12.18 -11.35
N ILE A 333 17.31 -11.01 -11.44
CA ILE A 333 17.14 -10.34 -12.73
C ILE A 333 18.21 -9.26 -12.82
N THR A 334 18.93 -9.23 -13.93
CA THR A 334 19.95 -8.20 -14.11
C THR A 334 19.29 -7.00 -14.78
N VAL A 335 19.13 -5.93 -14.02
CA VAL A 335 18.52 -4.71 -14.53
C VAL A 335 19.56 -3.86 -15.26
N GLU A 336 20.71 -3.66 -14.62
CA GLU A 336 21.79 -2.88 -15.21
C GLU A 336 23.10 -3.60 -14.95
N THR B 7 -24.17 0.01 23.51
CA THR B 7 -22.86 0.72 23.35
C THR B 7 -22.11 0.31 22.08
N MSE B 8 -21.04 1.05 21.76
CA MSE B 8 -20.22 0.79 20.58
C MSE B 8 -18.80 1.30 20.87
O MSE B 8 -18.57 1.99 21.86
CB MSE B 8 -20.76 1.53 19.34
CG MSE B 8 -20.63 3.07 19.41
SE MSE B 8 -21.12 3.99 17.89
CE MSE B 8 -20.82 5.68 18.45
N ILE B 9 -17.88 0.98 19.97
CA ILE B 9 -16.50 1.45 20.10
C ILE B 9 -16.35 2.58 19.07
N ALA B 10 -15.71 3.67 19.47
CA ALA B 10 -15.48 4.79 18.55
C ALA B 10 -14.17 5.46 18.93
N ALA B 11 -13.61 6.22 18.01
CA ALA B 11 -12.37 6.93 18.26
C ALA B 11 -12.73 8.39 18.51
N VAL B 12 -12.31 8.92 19.65
CA VAL B 12 -12.61 10.30 19.99
C VAL B 12 -11.34 11.14 20.11
N VAL B 13 -11.37 12.33 19.52
CA VAL B 13 -10.25 13.25 19.62
C VAL B 13 -10.74 14.15 20.74
N GLU B 14 -10.08 14.07 21.89
CA GLU B 14 -10.49 14.82 23.05
C GLU B 14 -10.07 16.29 23.08
N GLU B 15 -8.88 16.57 22.57
CA GLU B 15 -8.37 17.94 22.55
C GLU B 15 -7.55 18.14 21.29
N ALA B 16 -7.25 19.41 20.99
CA ALA B 16 -6.46 19.74 19.80
C ALA B 16 -5.16 18.95 19.74
N ASN B 17 -4.90 18.37 18.58
CA ASN B 17 -3.70 17.58 18.34
C ASN B 17 -3.61 16.32 19.21
N GLY B 18 -4.68 16.02 19.94
CA GLY B 18 -4.69 14.86 20.80
C GLY B 18 -4.81 13.56 20.01
N PRO B 19 -4.54 12.42 20.66
CA PRO B 19 -4.63 11.11 19.99
C PRO B 19 -6.07 10.69 19.74
N PHE B 20 -6.23 9.70 18.85
CA PHE B 20 -7.55 9.15 18.55
C PHE B 20 -7.80 8.14 19.65
N VAL B 21 -8.58 8.53 20.66
CA VAL B 21 -8.86 7.66 21.79
C VAL B 21 -10.02 6.72 21.57
N LEU B 22 -9.76 5.41 21.64
CA LEU B 22 -10.81 4.43 21.49
C LEU B 22 -11.63 4.44 22.77
N ARG B 23 -12.94 4.57 22.64
CA ARG B 23 -13.84 4.64 23.79
C ARG B 23 -15.07 3.78 23.57
N LYS B 24 -15.63 3.26 24.67
CA LYS B 24 -16.86 2.50 24.58
C LYS B 24 -17.91 3.56 24.90
N LEU B 25 -18.79 3.82 23.93
CA LEU B 25 -19.81 4.85 24.10
C LEU B 25 -21.20 4.35 23.79
N ALA B 26 -22.19 5.15 24.15
CA ALA B 26 -23.58 4.82 23.89
C ALA B 26 -23.76 4.71 22.38
N ARG B 27 -24.46 3.67 21.94
CA ARG B 27 -24.70 3.47 20.52
C ARG B 27 -25.87 4.33 20.06
N PRO B 28 -25.67 5.13 19.01
CA PRO B 28 -26.71 6.01 18.48
C PRO B 28 -27.98 5.24 18.12
N GLN B 29 -29.12 5.93 18.22
CA GLN B 29 -30.41 5.33 17.88
C GLN B 29 -31.03 6.18 16.78
N PRO B 30 -31.48 5.53 15.69
CA PRO B 30 -32.09 6.24 14.57
C PRO B 30 -33.40 6.96 14.86
N ALA B 31 -33.43 8.24 14.53
CA ALA B 31 -34.62 9.06 14.72
C ALA B 31 -35.42 8.90 13.43
N PRO B 32 -36.64 9.45 13.38
CA PRO B 32 -37.42 9.32 12.15
C PRO B 32 -36.63 9.87 10.97
N GLY B 33 -36.69 9.19 9.83
CA GLY B 33 -35.97 9.65 8.67
C GLY B 33 -34.54 9.14 8.60
N GLN B 34 -34.07 8.56 9.71
CA GLN B 34 -32.70 8.04 9.75
C GLN B 34 -32.62 6.52 9.75
N VAL B 35 -31.43 6.02 9.44
CA VAL B 35 -31.17 4.59 9.46
C VAL B 35 -29.92 4.41 10.31
N LEU B 36 -29.75 3.23 10.90
CA LEU B 36 -28.57 2.98 11.71
C LEU B 36 -27.60 2.21 10.84
N VAL B 37 -26.43 2.79 10.63
CA VAL B 37 -25.42 2.17 9.80
C VAL B 37 -24.29 1.53 10.58
N GLN B 38 -24.03 0.25 10.30
CA GLN B 38 -22.92 -0.43 10.93
C GLN B 38 -21.78 -0.14 9.97
N ILE B 39 -20.90 0.77 10.38
CA ILE B 39 -19.78 1.19 9.55
C ILE B 39 -18.70 0.13 9.37
N GLU B 40 -18.41 -0.21 8.12
CA GLU B 40 -17.37 -1.19 7.85
C GLU B 40 -16.08 -0.52 7.38
N ALA B 41 -16.22 0.63 6.73
CA ALA B 41 -15.05 1.39 6.29
C ALA B 41 -15.30 2.88 6.47
N SER B 42 -14.26 3.58 6.92
CA SER B 42 -14.35 5.02 7.13
C SER B 42 -13.36 5.73 6.21
N GLY B 43 -13.88 6.60 5.35
CA GLY B 43 -13.02 7.32 4.43
C GLY B 43 -12.40 8.55 5.06
N THR B 44 -11.08 8.68 4.93
CA THR B 44 -10.38 9.82 5.50
C THR B 44 -10.30 10.98 4.52
N ASN B 45 -10.01 12.17 5.05
CA ASN B 45 -9.85 13.38 4.23
C ASN B 45 -8.92 14.34 4.98
N PRO B 46 -8.08 15.08 4.24
CA PRO B 46 -7.15 16.03 4.87
C PRO B 46 -7.81 16.97 5.89
N LEU B 47 -9.04 17.39 5.62
CA LEU B 47 -9.73 18.30 6.53
C LEU B 47 -9.83 17.73 7.94
N ASP B 48 -9.99 16.41 8.05
CA ASP B 48 -10.09 15.77 9.36
C ASP B 48 -8.88 16.12 10.22
N ALA B 49 -7.71 16.16 9.59
CA ALA B 49 -6.48 16.48 10.31
C ALA B 49 -6.50 17.92 10.79
N LYS B 50 -7.06 18.82 9.98
CA LYS B 50 -7.15 20.22 10.40
C LYS B 50 -8.09 20.32 11.60
N ILE B 51 -9.20 19.58 11.54
CA ILE B 51 -10.17 19.58 12.62
C ILE B 51 -9.53 19.03 13.89
N ARG B 52 -8.81 17.93 13.75
CA ARG B 52 -8.13 17.32 14.88
C ARG B 52 -7.20 18.33 15.55
N ALA B 53 -6.55 19.16 14.74
CA ALA B 53 -5.61 20.16 15.24
C ALA B 53 -6.31 21.42 15.73
N GLY B 54 -7.64 21.44 15.62
CA GLY B 54 -8.39 22.60 16.06
C GLY B 54 -8.14 23.83 15.21
N GLU B 55 -7.79 23.62 13.94
CA GLU B 55 -7.51 24.72 13.03
C GLU B 55 -8.42 24.69 11.80
N ALA B 56 -9.67 24.28 11.99
CA ALA B 56 -10.63 24.22 10.89
C ALA B 56 -11.94 24.89 11.29
N PRO B 57 -11.90 26.21 11.50
CA PRO B 57 -13.10 26.97 11.88
C PRO B 57 -14.30 26.76 10.96
N HIS B 58 -14.05 26.71 9.66
CA HIS B 58 -15.14 26.52 8.69
C HIS B 58 -15.87 25.19 8.88
N ALA B 59 -15.21 24.21 9.51
CA ALA B 59 -15.82 22.90 9.71
C ALA B 59 -16.80 22.84 10.87
N GLN B 60 -16.71 23.81 11.78
CA GLN B 60 -17.60 23.89 12.93
C GLN B 60 -17.70 22.55 13.66
N GLN B 61 -16.56 21.92 13.90
CA GLN B 61 -16.50 20.64 14.60
C GLN B 61 -15.58 20.75 15.80
N PRO B 62 -16.05 21.43 16.86
CA PRO B 62 -15.23 21.58 18.07
C PRO B 62 -15.00 20.26 18.79
N LEU B 63 -13.89 20.19 19.53
CA LEU B 63 -13.52 18.99 20.27
C LEU B 63 -14.04 19.07 21.70
N PRO B 64 -14.27 17.93 22.35
CA PRO B 64 -14.07 16.55 21.85
C PRO B 64 -15.10 16.14 20.81
N ALA B 65 -14.71 15.24 19.92
CA ALA B 65 -15.63 14.78 18.89
C ALA B 65 -15.09 13.58 18.14
N ILE B 66 -16.00 12.87 17.48
CA ILE B 66 -15.64 11.71 16.68
C ILE B 66 -15.48 12.30 15.29
N LEU B 67 -14.31 12.11 14.68
CA LEU B 67 -14.07 12.66 13.36
C LEU B 67 -14.32 11.65 12.24
N GLY B 68 -14.11 12.07 10.99
CA GLY B 68 -14.34 11.20 9.86
C GLY B 68 -15.63 11.64 9.21
N MSE B 69 -15.60 11.86 7.89
CA MSE B 69 -16.78 12.33 7.18
C MSE B 69 -17.47 11.34 6.24
O MSE B 69 -18.69 11.41 6.08
CB MSE B 69 -16.40 13.60 6.38
CG MSE B 69 -15.74 14.70 7.22
SE MSE B 69 -15.22 16.16 6.24
CE MSE B 69 -13.64 15.72 5.87
N ASP B 70 -16.70 10.45 5.62
CA ASP B 70 -17.24 9.46 4.69
C ASP B 70 -17.38 8.09 5.36
N LEU B 71 -18.36 7.32 4.88
CA LEU B 71 -18.54 5.97 5.40
C LEU B 71 -19.04 5.04 4.32
N ALA B 72 -18.95 3.75 4.63
CA ALA B 72 -19.43 2.67 3.78
C ALA B 72 -19.78 1.62 4.81
N GLY B 73 -20.99 1.07 4.74
CA GLY B 73 -21.38 0.07 5.70
C GLY B 73 -22.68 -0.63 5.36
N THR B 74 -23.34 -1.15 6.40
CA THR B 74 -24.59 -1.88 6.24
C THR B 74 -25.67 -1.33 7.17
N VAL B 75 -26.89 -1.24 6.66
CA VAL B 75 -27.99 -0.75 7.48
C VAL B 75 -28.33 -1.90 8.43
N VAL B 76 -28.40 -1.60 9.73
CA VAL B 76 -28.72 -2.62 10.72
C VAL B 76 -30.03 -2.32 11.44
N ALA B 77 -30.56 -1.13 11.21
CA ALA B 77 -31.81 -0.70 11.82
C ALA B 77 -32.35 0.48 11.01
N VAL B 78 -33.68 0.55 10.90
CA VAL B 78 -34.32 1.61 10.14
C VAL B 78 -35.23 2.39 11.08
N GLY B 79 -35.09 3.71 11.07
CA GLY B 79 -35.92 4.52 11.94
C GLY B 79 -37.31 4.69 11.35
N PRO B 80 -38.24 5.31 12.08
CA PRO B 80 -39.60 5.50 11.56
C PRO B 80 -39.56 6.42 10.34
N GLU B 81 -40.60 6.36 9.51
CA GLU B 81 -40.70 7.20 8.34
C GLU B 81 -39.59 7.00 7.30
N VAL B 82 -38.98 5.82 7.30
CA VAL B 82 -37.93 5.52 6.33
C VAL B 82 -38.36 4.33 5.49
N ASP B 83 -38.30 4.48 4.18
CA ASP B 83 -38.69 3.40 3.27
C ASP B 83 -37.70 3.24 2.12
N SER B 84 -36.61 3.99 2.15
CA SER B 84 -35.59 3.94 1.11
C SER B 84 -34.55 2.85 1.33
N PHE B 85 -34.47 2.34 2.57
CA PHE B 85 -33.50 1.30 2.89
C PHE B 85 -34.07 0.22 3.79
N ARG B 86 -33.49 -0.97 3.71
CA ARG B 86 -33.93 -2.10 4.52
C ARG B 86 -32.73 -2.66 5.28
N VAL B 87 -33.00 -3.33 6.39
CA VAL B 87 -31.94 -3.94 7.16
C VAL B 87 -31.16 -4.87 6.25
N GLY B 88 -29.83 -4.73 6.25
CA GLY B 88 -29.01 -5.57 5.42
C GLY B 88 -28.45 -4.86 4.19
N ASP B 89 -29.00 -3.70 3.85
CA ASP B 89 -28.52 -2.96 2.69
C ASP B 89 -27.14 -2.35 2.87
N ALA B 90 -26.28 -2.52 1.87
CA ALA B 90 -24.94 -1.96 1.89
C ALA B 90 -25.08 -0.55 1.36
N VAL B 91 -24.55 0.43 2.10
CA VAL B 91 -24.65 1.82 1.68
C VAL B 91 -23.34 2.58 1.84
N PHE B 92 -23.35 3.83 1.37
CA PHE B 92 -22.18 4.70 1.51
C PHE B 92 -22.60 6.15 1.36
N GLY B 93 -21.78 7.06 1.89
CA GLY B 93 -22.09 8.47 1.78
C GLY B 93 -21.29 9.38 2.68
N LEU B 94 -21.47 10.69 2.47
CA LEU B 94 -20.82 11.75 3.24
C LEU B 94 -21.87 12.06 4.30
N THR B 95 -21.60 11.70 5.55
CA THR B 95 -22.58 11.84 6.62
C THR B 95 -22.32 12.72 7.83
N GLY B 96 -21.07 13.03 8.14
CA GLY B 96 -20.83 13.85 9.32
C GLY B 96 -19.38 14.27 9.52
N GLY B 97 -18.96 14.34 10.79
CA GLY B 97 -17.60 14.74 11.08
C GLY B 97 -17.42 16.25 11.04
N VAL B 98 -18.51 16.97 10.77
CA VAL B 98 -18.49 18.43 10.72
C VAL B 98 -19.80 18.97 11.31
N GLY B 99 -19.78 20.25 11.69
CA GLY B 99 -20.97 20.89 12.23
C GLY B 99 -21.58 20.21 13.44
N GLY B 100 -20.76 19.49 14.20
CA GLY B 100 -21.27 18.82 15.39
C GLY B 100 -21.84 17.44 15.10
N LEU B 101 -21.79 17.02 13.84
CA LEU B 101 -22.30 15.71 13.47
C LEU B 101 -21.28 14.64 13.84
N GLN B 102 -21.74 13.55 14.44
CA GLN B 102 -20.83 12.47 14.82
C GLN B 102 -20.03 12.05 13.59
N GLY B 103 -18.72 11.88 13.75
CA GLY B 103 -17.87 11.45 12.66
C GLY B 103 -18.05 9.97 12.37
N THR B 104 -17.32 9.48 11.37
CA THR B 104 -17.43 8.08 10.98
C THR B 104 -16.38 7.13 11.55
N HIS B 105 -15.54 7.63 12.45
CA HIS B 105 -14.53 6.79 13.10
C HIS B 105 -15.25 6.07 14.23
N ALA B 106 -16.31 5.34 13.89
CA ALA B 106 -17.11 4.63 14.87
C ALA B 106 -17.72 3.38 14.26
N GLN B 107 -18.15 2.45 15.10
CA GLN B 107 -18.76 1.21 14.63
C GLN B 107 -20.18 1.46 14.11
N PHE B 108 -20.81 2.53 14.56
CA PHE B 108 -22.16 2.85 14.13
C PHE B 108 -22.41 4.34 14.02
N ALA B 109 -23.39 4.68 13.18
CA ALA B 109 -23.78 6.08 13.00
C ALA B 109 -25.24 6.12 12.56
N ALA B 110 -26.00 7.03 13.15
CA ALA B 110 -27.41 7.22 12.79
C ALA B 110 -27.35 8.28 11.69
N VAL B 111 -27.80 7.93 10.49
CA VAL B 111 -27.73 8.85 9.37
C VAL B 111 -29.06 9.14 8.69
N ASP B 112 -29.26 10.41 8.33
CA ASP B 112 -30.46 10.81 7.63
C ASP B 112 -30.39 10.03 6.32
N ALA B 113 -31.43 9.25 6.03
CA ALA B 113 -31.47 8.43 4.82
C ALA B 113 -31.16 9.16 3.51
N ARG B 114 -31.53 10.43 3.43
CA ARG B 114 -31.29 11.21 2.21
C ARG B 114 -29.80 11.35 1.86
N LEU B 115 -28.93 11.19 2.84
CA LEU B 115 -27.49 11.30 2.64
C LEU B 115 -26.87 10.02 2.08
N LEU B 116 -27.63 8.93 2.11
CA LEU B 116 -27.12 7.64 1.66
C LEU B 116 -27.59 7.16 0.30
N ALA B 117 -26.79 6.26 -0.27
CA ALA B 117 -27.07 5.64 -1.56
C ALA B 117 -26.55 4.22 -1.42
N SER B 118 -27.15 3.27 -2.13
CA SER B 118 -26.68 1.89 -2.08
C SER B 118 -25.24 1.86 -2.57
N LYS B 119 -24.41 1.04 -1.95
CA LYS B 119 -23.02 0.94 -2.36
C LYS B 119 -22.94 0.25 -3.71
N PRO B 120 -22.09 0.77 -4.61
CA PRO B 120 -21.96 0.16 -5.93
C PRO B 120 -21.52 -1.29 -5.74
N ALA B 121 -22.25 -2.22 -6.33
CA ALA B 121 -21.95 -3.64 -6.21
C ALA B 121 -20.50 -4.00 -6.54
N ALA B 122 -19.92 -3.28 -7.49
CA ALA B 122 -18.54 -3.54 -7.92
C ALA B 122 -17.46 -3.09 -6.95
N LEU B 123 -17.81 -2.32 -5.93
CA LEU B 123 -16.81 -1.82 -4.98
C LEU B 123 -16.79 -2.48 -3.61
N THR B 124 -15.60 -2.57 -3.03
CA THR B 124 -15.44 -3.13 -1.70
C THR B 124 -15.85 -1.99 -0.78
N MSE B 125 -15.99 -2.26 0.51
CA MSE B 125 -16.36 -1.22 1.47
C MSE B 125 -15.27 -0.15 1.49
O MSE B 125 -15.58 1.04 1.52
CB MSE B 125 -16.56 -1.83 2.87
CG MSE B 125 -17.86 -2.64 3.03
SE MSE B 125 -19.40 -1.63 3.04
CE MSE B 125 -20.64 -2.92 3.28
N ARG B 126 -14.01 -0.56 1.48
CA ARG B 126 -12.90 0.39 1.48
C ARG B 126 -13.00 1.33 0.28
N GLN B 127 -13.18 0.75 -0.91
CA GLN B 127 -13.30 1.53 -2.14
C GLN B 127 -14.43 2.54 -2.11
N ALA B 128 -15.60 2.11 -1.67
CA ALA B 128 -16.77 2.98 -1.61
C ALA B 128 -16.63 4.07 -0.55
N SER B 129 -15.94 3.77 0.55
CA SER B 129 -15.81 4.74 1.62
C SER B 129 -15.01 6.01 1.29
N VAL B 130 -14.15 5.94 0.28
CA VAL B 130 -13.34 7.11 -0.05
C VAL B 130 -13.86 8.02 -1.14
N LEU B 131 -15.02 7.74 -1.71
CA LEU B 131 -15.51 8.62 -2.76
C LEU B 131 -16.59 9.66 -2.47
N PRO B 132 -17.40 9.48 -1.39
CA PRO B 132 -18.44 10.48 -1.15
C PRO B 132 -18.05 11.97 -1.21
N LEU B 133 -17.24 12.43 -0.27
CA LEU B 133 -16.87 13.85 -0.25
C LEU B 133 -16.19 14.35 -1.52
N VAL B 134 -15.19 13.62 -2.00
CA VAL B 134 -14.49 14.08 -3.19
C VAL B 134 -15.34 14.00 -4.45
N PHE B 135 -16.20 12.99 -4.56
CA PHE B 135 -17.07 12.89 -5.74
C PHE B 135 -18.05 14.06 -5.74
N ILE B 136 -18.68 14.28 -4.59
CA ILE B 136 -19.64 15.38 -4.46
C ILE B 136 -18.95 16.71 -4.71
N THR B 137 -17.72 16.85 -4.22
CA THR B 137 -16.98 18.10 -4.41
C THR B 137 -16.69 18.32 -5.89
N ALA B 138 -16.30 17.25 -6.58
CA ALA B 138 -16.00 17.35 -8.01
C ALA B 138 -17.26 17.63 -8.81
N TRP B 139 -18.34 16.97 -8.44
CA TRP B 139 -19.61 17.14 -9.14
C TRP B 139 -20.15 18.55 -8.98
N GLU B 140 -20.16 19.06 -7.75
CA GLU B 140 -20.68 20.40 -7.52
C GLU B 140 -19.98 21.42 -8.40
N GLY B 141 -18.67 21.27 -8.58
CA GLY B 141 -17.92 22.20 -9.39
C GLY B 141 -18.08 21.98 -10.88
N LEU B 142 -17.91 20.74 -11.32
CA LEU B 142 -18.02 20.41 -12.74
C LEU B 142 -19.44 20.52 -13.30
N VAL B 143 -20.41 20.02 -12.55
CA VAL B 143 -21.79 20.04 -13.00
C VAL B 143 -22.66 21.16 -12.46
N ASP B 144 -22.87 21.22 -11.15
CA ASP B 144 -23.71 22.26 -10.58
C ASP B 144 -23.28 23.68 -10.95
N ARG B 145 -21.99 23.98 -10.81
CA ARG B 145 -21.52 25.33 -11.11
C ARG B 145 -21.11 25.57 -12.56
N ALA B 146 -20.17 24.78 -13.06
CA ALA B 146 -19.68 24.96 -14.43
C ALA B 146 -20.53 24.29 -15.50
N GLN B 147 -21.38 23.35 -15.10
CA GLN B 147 -22.25 22.65 -16.05
C GLN B 147 -21.42 22.26 -17.26
N VAL B 148 -20.39 21.44 -17.03
CA VAL B 148 -19.51 20.98 -18.09
C VAL B 148 -20.29 20.36 -19.26
N GLN B 149 -19.92 20.76 -20.47
CA GLN B 149 -20.58 20.28 -21.68
C GLN B 149 -19.70 19.34 -22.50
N ASP B 150 -20.35 18.51 -23.30
CA ASP B 150 -19.68 17.56 -24.16
C ASP B 150 -18.80 18.38 -25.12
N GLY B 151 -17.54 17.99 -25.26
CA GLY B 151 -16.66 18.71 -26.18
C GLY B 151 -15.81 19.81 -25.57
N GLN B 152 -16.15 20.27 -24.37
CA GLN B 152 -15.36 21.32 -23.75
C GLN B 152 -14.01 20.78 -23.30
N THR B 153 -13.01 21.65 -23.31
CA THR B 153 -11.68 21.25 -22.87
C THR B 153 -11.68 21.53 -21.38
N VAL B 154 -11.24 20.54 -20.60
CA VAL B 154 -11.21 20.67 -19.16
C VAL B 154 -9.83 20.39 -18.58
N LEU B 155 -9.37 21.30 -17.73
CA LEU B 155 -8.08 21.14 -17.07
C LEU B 155 -8.32 20.93 -15.58
N ILE B 156 -7.88 19.80 -15.07
CA ILE B 156 -8.02 19.49 -13.65
C ILE B 156 -6.64 19.71 -13.04
N GLN B 157 -6.52 20.67 -12.12
CA GLN B 157 -5.24 20.94 -11.45
C GLN B 157 -5.12 19.93 -10.30
N GLY B 158 -4.10 19.08 -10.34
CA GLY B 158 -3.91 18.08 -9.29
C GLY B 158 -4.73 16.83 -9.57
N GLY B 159 -4.60 16.32 -10.80
CA GLY B 159 -5.34 15.14 -11.22
C GLY B 159 -5.14 13.87 -10.42
N GLY B 160 -4.05 13.78 -9.68
CA GLY B 160 -3.78 12.59 -8.89
C GLY B 160 -4.40 12.65 -7.51
N GLY B 161 -4.84 13.84 -7.09
CA GLY B 161 -5.42 14.01 -5.77
C GLY B 161 -6.83 13.49 -5.54
N GLY B 162 -7.32 13.69 -4.32
CA GLY B 162 -8.65 13.24 -3.94
C GLY B 162 -9.76 13.73 -4.85
N VAL B 163 -9.93 15.05 -4.94
CA VAL B 163 -10.96 15.62 -5.79
C VAL B 163 -10.58 15.52 -7.27
N GLY B 164 -9.28 15.64 -7.54
CA GLY B 164 -8.79 15.58 -8.90
C GLY B 164 -9.04 14.32 -9.70
N HIS B 165 -8.72 13.16 -9.13
CA HIS B 165 -8.92 11.92 -9.87
C HIS B 165 -10.37 11.62 -10.17
N VAL B 166 -11.28 12.11 -9.33
CA VAL B 166 -12.69 11.87 -9.58
C VAL B 166 -13.24 12.94 -10.54
N ALA B 167 -12.69 14.14 -10.45
CA ALA B 167 -13.11 15.22 -11.35
C ALA B 167 -12.74 14.84 -12.79
N ILE B 168 -11.59 14.21 -12.93
CA ILE B 168 -11.12 13.77 -14.25
C ILE B 168 -12.09 12.75 -14.84
N GLN B 169 -12.48 11.77 -14.02
CA GLN B 169 -13.38 10.71 -14.47
C GLN B 169 -14.80 11.19 -14.74
N ILE B 170 -15.28 12.15 -13.95
CA ILE B 170 -16.62 12.68 -14.18
C ILE B 170 -16.61 13.47 -15.49
N ALA B 171 -15.58 14.29 -15.68
CA ALA B 171 -15.47 15.10 -16.89
C ALA B 171 -15.39 14.23 -18.14
N LEU B 172 -14.59 13.17 -18.06
CA LEU B 172 -14.46 12.26 -19.20
C LEU B 172 -15.80 11.62 -19.53
N ALA B 173 -16.48 11.13 -18.50
CA ALA B 173 -17.79 10.48 -18.67
C ALA B 173 -18.84 11.41 -19.26
N ARG B 174 -18.69 12.70 -19.04
CA ARG B 174 -19.65 13.66 -19.56
C ARG B 174 -19.27 14.19 -20.95
N GLY B 175 -18.27 13.53 -21.56
CA GLY B 175 -17.83 13.88 -22.90
C GLY B 175 -16.81 14.99 -23.11
N ALA B 176 -16.14 15.44 -22.05
CA ALA B 176 -15.15 16.50 -22.20
C ALA B 176 -13.77 15.98 -22.60
N ARG B 177 -12.95 16.86 -23.17
CA ARG B 177 -11.58 16.53 -23.54
C ARG B 177 -10.82 16.95 -22.30
N VAL B 178 -10.31 15.98 -21.55
CA VAL B 178 -9.66 16.28 -20.29
C VAL B 178 -8.14 16.27 -20.22
N PHE B 179 -7.61 17.26 -19.49
CA PHE B 179 -6.19 17.42 -19.27
C PHE B 179 -6.01 17.57 -17.76
N ALA B 180 -4.87 17.15 -17.23
CA ALA B 180 -4.66 17.27 -15.80
C ALA B 180 -3.19 17.45 -15.42
N THR B 181 -2.92 18.45 -14.60
CA THR B 181 -1.55 18.68 -14.14
C THR B 181 -1.33 17.76 -12.94
N ALA B 182 -0.19 17.10 -12.92
CA ALA B 182 0.12 16.18 -11.83
C ALA B 182 1.62 16.08 -11.65
N ARG B 183 2.05 15.55 -10.51
CA ARG B 183 3.47 15.39 -10.25
C ARG B 183 3.95 14.05 -10.76
N GLY B 184 5.23 14.00 -11.13
CA GLY B 184 5.86 12.81 -11.66
C GLY B 184 5.16 11.49 -11.41
N SER B 185 5.12 11.08 -10.15
CA SER B 185 4.50 9.81 -9.77
C SER B 185 3.03 9.61 -10.16
N ASP B 186 2.31 10.69 -10.48
CA ASP B 186 0.90 10.55 -10.84
C ASP B 186 0.59 10.71 -12.33
N LEU B 187 1.56 11.15 -13.11
CA LEU B 187 1.34 11.36 -14.54
C LEU B 187 0.82 10.12 -15.28
N GLU B 188 1.42 8.97 -14.99
CA GLU B 188 1.00 7.70 -15.62
C GLU B 188 -0.43 7.36 -15.19
N TYR B 189 -0.73 7.60 -13.92
CA TYR B 189 -2.06 7.33 -13.41
C TYR B 189 -3.11 8.12 -14.19
N VAL B 190 -2.87 9.43 -14.33
CA VAL B 190 -3.77 10.33 -15.06
C VAL B 190 -3.93 9.91 -16.52
N ARG B 191 -2.82 9.54 -17.14
CA ARG B 191 -2.83 9.09 -18.53
C ARG B 191 -3.74 7.88 -18.64
N ASP B 192 -3.56 6.92 -17.73
CA ASP B 192 -4.33 5.69 -17.73
C ASP B 192 -5.83 5.94 -17.56
N LEU B 193 -6.20 7.02 -16.88
CA LEU B 193 -7.62 7.33 -16.69
C LEU B 193 -8.25 7.77 -18.00
N GLY B 194 -7.43 8.22 -18.94
CA GLY B 194 -7.94 8.66 -20.23
C GLY B 194 -7.67 10.13 -20.49
N ALA B 195 -7.07 10.82 -19.53
CA ALA B 195 -6.77 12.24 -19.67
C ALA B 195 -5.36 12.47 -20.19
N THR B 196 -5.10 13.70 -20.62
CA THR B 196 -3.78 14.07 -21.10
C THR B 196 -2.99 14.66 -19.93
N PRO B 197 -1.91 13.98 -19.50
CA PRO B 197 -1.08 14.43 -18.40
C PRO B 197 -0.19 15.62 -18.71
N ILE B 198 -0.03 16.50 -17.72
CA ILE B 198 0.79 17.70 -17.82
C ILE B 198 1.61 17.78 -16.54
N ASP B 199 2.94 17.85 -16.66
CA ASP B 199 3.78 17.96 -15.48
C ASP B 199 3.42 19.25 -14.77
N ALA B 200 3.09 19.16 -13.48
CA ALA B 200 2.68 20.32 -12.69
C ALA B 200 3.72 21.42 -12.51
N SER B 201 4.95 21.15 -12.89
CA SER B 201 6.02 22.14 -12.77
C SER B 201 6.00 23.10 -13.96
N ARG B 202 5.23 22.76 -14.99
CA ARG B 202 5.14 23.58 -16.19
C ARG B 202 4.29 24.84 -16.03
N GLU B 203 4.57 25.84 -16.86
CA GLU B 203 3.84 27.10 -16.83
C GLU B 203 2.56 27.00 -17.66
N PRO B 204 1.47 27.62 -17.18
CA PRO B 204 0.19 27.59 -17.89
C PRO B 204 0.33 28.04 -19.34
N GLU B 205 1.06 29.13 -19.55
CA GLU B 205 1.25 29.66 -20.89
C GLU B 205 1.87 28.60 -21.79
N ASP B 206 2.71 27.74 -21.21
CA ASP B 206 3.35 26.70 -22.01
C ASP B 206 2.46 25.48 -22.28
N TYR B 207 1.85 24.89 -21.24
CA TYR B 207 1.01 23.74 -21.54
C TYR B 207 -0.26 24.14 -22.28
N ALA B 208 -0.70 25.39 -22.12
CA ALA B 208 -1.88 25.85 -22.84
C ALA B 208 -1.52 25.97 -24.32
N ALA B 209 -0.28 26.37 -24.57
CA ALA B 209 0.21 26.51 -25.95
C ALA B 209 0.26 25.14 -26.63
N GLU B 210 0.83 24.16 -25.93
CA GLU B 210 0.96 22.82 -26.48
C GLU B 210 -0.37 22.10 -26.69
N HIS B 211 -1.30 22.26 -25.75
CA HIS B 211 -2.57 21.55 -25.84
C HIS B 211 -3.83 22.28 -26.30
N THR B 212 -3.82 23.61 -26.32
CA THR B 212 -5.01 24.36 -26.73
C THR B 212 -4.68 25.46 -27.73
N ALA B 213 -3.60 25.28 -28.46
CA ALA B 213 -3.17 26.27 -29.44
C ALA B 213 -3.07 27.65 -28.79
N GLY B 214 -2.70 27.66 -27.51
CA GLY B 214 -2.54 28.91 -26.79
C GLY B 214 -3.83 29.62 -26.43
N GLN B 215 -4.96 28.98 -26.67
CA GLN B 215 -6.27 29.57 -26.39
C GLN B 215 -6.67 29.49 -24.92
N GLY B 216 -6.23 28.43 -24.23
CA GLY B 216 -6.62 28.25 -22.85
C GLY B 216 -7.68 27.18 -22.79
N PHE B 217 -8.10 26.80 -21.58
CA PHE B 217 -9.11 25.74 -21.42
C PHE B 217 -10.50 26.28 -21.13
N ASP B 218 -11.54 25.60 -21.63
CA ASP B 218 -12.92 26.02 -21.40
C ASP B 218 -13.27 26.02 -19.93
N LEU B 219 -12.81 24.98 -19.23
CA LEU B 219 -13.09 24.81 -17.82
C LEU B 219 -11.84 24.36 -17.06
N VAL B 220 -11.48 25.09 -16.02
CA VAL B 220 -10.33 24.75 -15.19
C VAL B 220 -10.82 24.48 -13.77
N TYR B 221 -10.52 23.29 -13.24
CA TYR B 221 -10.92 22.95 -11.89
C TYR B 221 -9.71 22.94 -10.97
N ASP B 222 -9.60 23.96 -10.11
CA ASP B 222 -8.50 24.05 -9.17
C ASP B 222 -8.84 23.27 -7.90
N THR B 223 -8.11 22.20 -7.64
CA THR B 223 -8.35 21.38 -6.46
C THR B 223 -7.26 21.61 -5.42
N LEU B 224 -6.34 22.53 -5.72
CA LEU B 224 -5.23 22.81 -4.82
C LEU B 224 -5.26 24.17 -4.12
N GLY B 225 -5.82 25.18 -4.78
CA GLY B 225 -5.91 26.50 -4.17
C GLY B 225 -4.61 27.27 -4.17
N GLY B 226 -4.56 28.34 -3.37
CA GLY B 226 -3.36 29.15 -3.30
C GLY B 226 -2.91 29.58 -4.68
N PRO B 227 -1.59 29.61 -4.93
CA PRO B 227 -1.00 30.01 -6.21
C PRO B 227 -1.55 29.25 -7.41
N VAL B 228 -2.05 28.04 -7.17
CA VAL B 228 -2.61 27.22 -8.23
C VAL B 228 -3.89 27.84 -8.79
N LEU B 229 -4.61 28.57 -7.93
CA LEU B 229 -5.83 29.22 -8.39
C LEU B 229 -5.45 30.34 -9.36
N ASP B 230 -4.35 31.02 -9.07
CA ASP B 230 -3.88 32.10 -9.95
C ASP B 230 -3.42 31.48 -11.26
N ALA B 231 -2.76 30.33 -11.17
CA ALA B 231 -2.31 29.64 -12.37
C ALA B 231 -3.54 29.27 -13.20
N SER B 232 -4.62 28.91 -12.52
CA SER B 232 -5.87 28.53 -13.18
C SER B 232 -6.47 29.70 -13.96
N PHE B 233 -6.38 30.90 -13.39
CA PHE B 233 -6.88 32.11 -14.04
C PHE B 233 -6.09 32.33 -15.32
N SER B 234 -4.82 31.96 -15.27
CA SER B 234 -3.94 32.13 -16.42
C SER B 234 -4.26 31.11 -17.52
N ALA B 235 -4.60 29.89 -17.12
CA ALA B 235 -4.89 28.81 -18.07
C ALA B 235 -6.28 28.84 -18.71
N VAL B 236 -7.22 29.55 -18.09
CA VAL B 236 -8.58 29.58 -18.62
C VAL B 236 -8.72 30.38 -19.91
N LYS B 237 -9.58 29.90 -20.79
CA LYS B 237 -9.84 30.54 -22.09
C LYS B 237 -10.77 31.75 -21.93
N ARG B 238 -10.78 32.64 -22.92
CA ARG B 238 -11.66 33.80 -22.86
C ARG B 238 -13.10 33.31 -22.78
N PHE B 239 -13.88 33.90 -21.88
CA PHE B 239 -15.27 33.52 -21.66
C PHE B 239 -15.38 32.17 -20.94
N GLY B 240 -14.22 31.62 -20.58
CA GLY B 240 -14.17 30.34 -19.90
C GLY B 240 -14.61 30.41 -18.45
N HIS B 241 -14.56 29.26 -17.76
CA HIS B 241 -14.99 29.19 -16.37
C HIS B 241 -13.94 28.48 -15.51
N VAL B 242 -13.68 29.05 -14.33
CA VAL B 242 -12.72 28.48 -13.38
C VAL B 242 -13.46 28.18 -12.09
N VAL B 243 -13.26 26.99 -11.53
CA VAL B 243 -13.91 26.61 -10.29
C VAL B 243 -12.86 26.10 -9.33
N SER B 244 -13.06 26.35 -8.05
CA SER B 244 -12.11 25.89 -7.03
C SER B 244 -12.80 25.46 -5.75
N CYS B 245 -12.31 24.37 -5.15
CA CYS B 245 -12.86 23.88 -3.91
C CYS B 245 -11.96 24.29 -2.74
N LEU B 246 -10.98 25.15 -3.02
CA LEU B 246 -10.06 25.65 -2.01
C LEU B 246 -9.73 27.11 -2.28
N GLY B 247 -10.73 27.89 -2.68
CA GLY B 247 -10.51 29.29 -2.98
C GLY B 247 -10.79 30.20 -1.81
N TRP B 248 -10.03 30.03 -0.73
CA TRP B 248 -10.21 30.81 0.47
C TRP B 248 -9.35 32.07 0.58
N GLY B 249 -8.27 32.12 -0.19
CA GLY B 249 -7.38 33.28 -0.11
C GLY B 249 -7.74 34.49 -0.95
N THR B 250 -6.85 35.47 -0.94
CA THR B 250 -7.02 36.70 -1.71
C THR B 250 -6.32 36.49 -3.04
N HIS B 251 -6.93 36.98 -4.12
CA HIS B 251 -6.36 36.80 -5.44
C HIS B 251 -6.58 37.99 -6.35
N LYS B 252 -5.60 38.24 -7.22
CA LYS B 252 -5.68 39.33 -8.19
C LYS B 252 -6.71 38.85 -9.22
N LEU B 253 -7.75 39.64 -9.44
CA LEU B 253 -8.81 39.26 -10.38
C LEU B 253 -8.67 39.76 -11.82
N ALA B 254 -7.68 40.60 -12.09
CA ALA B 254 -7.47 41.15 -13.43
C ALA B 254 -7.60 40.12 -14.56
N PRO B 255 -7.01 38.92 -14.40
CA PRO B 255 -7.11 37.92 -15.47
C PRO B 255 -8.54 37.62 -15.91
N LEU B 256 -9.48 37.60 -14.98
CA LEU B 256 -10.87 37.32 -15.29
C LEU B 256 -11.55 38.43 -16.10
N SER B 257 -11.12 39.67 -15.88
CA SER B 257 -11.68 40.78 -16.63
C SER B 257 -11.09 40.79 -18.04
N PHE B 258 -9.76 40.77 -18.10
CA PHE B 258 -9.09 40.77 -19.40
C PHE B 258 -9.66 39.67 -20.28
N LYS B 259 -9.97 38.53 -19.68
CA LYS B 259 -10.50 37.42 -20.45
C LYS B 259 -12.01 37.24 -20.37
N GLN B 260 -12.70 38.23 -19.79
CA GLN B 260 -14.16 38.18 -19.68
C GLN B 260 -14.56 36.77 -19.23
N ALA B 261 -13.82 36.26 -18.26
CA ALA B 261 -14.05 34.91 -17.75
C ALA B 261 -14.87 34.87 -16.47
N THR B 262 -15.18 33.66 -16.04
CA THR B 262 -15.99 33.45 -14.86
C THR B 262 -15.34 32.50 -13.84
N TYR B 263 -15.63 32.73 -12.56
CA TYR B 263 -15.10 31.92 -11.47
C TYR B 263 -16.21 31.58 -10.45
N SER B 264 -16.22 30.34 -9.99
CA SER B 264 -17.21 29.89 -9.01
C SER B 264 -16.52 29.17 -7.85
N GLY B 265 -17.02 29.38 -6.64
CA GLY B 265 -16.43 28.72 -5.48
C GLY B 265 -17.22 27.46 -5.16
N VAL B 266 -16.58 26.51 -4.49
CA VAL B 266 -17.23 25.26 -4.11
C VAL B 266 -17.02 25.02 -2.62
N PHE B 267 -18.10 24.71 -1.91
CA PHE B 267 -18.02 24.45 -0.48
C PHE B 267 -19.06 23.39 -0.11
N THR B 268 -18.72 22.14 -0.39
CA THR B 268 -19.61 21.01 -0.14
C THR B 268 -20.19 20.92 1.27
N LEU B 269 -19.40 21.29 2.28
CA LEU B 269 -19.84 21.21 3.68
C LEU B 269 -21.10 21.97 4.05
N HIS B 270 -21.41 23.04 3.31
CA HIS B 270 -22.60 23.83 3.61
C HIS B 270 -23.83 22.99 3.86
N THR B 271 -24.05 21.98 3.02
CA THR B 271 -25.21 21.11 3.15
C THR B 271 -25.36 20.49 4.54
N LEU B 272 -24.26 20.00 5.09
CA LEU B 272 -24.29 19.38 6.42
C LEU B 272 -24.27 20.42 7.54
N LEU B 273 -23.59 21.55 7.31
CA LEU B 273 -23.53 22.58 8.35
C LEU B 273 -24.84 23.36 8.51
N ALA B 274 -25.57 23.53 7.42
CA ALA B 274 -26.83 24.28 7.43
C ALA B 274 -28.09 23.46 7.26
N ASN B 275 -27.94 22.14 7.07
CA ASN B 275 -29.08 21.26 6.88
C ASN B 275 -30.00 21.66 5.73
N GLU B 276 -29.42 21.89 4.56
CA GLU B 276 -30.22 22.23 3.39
C GLU B 276 -29.72 21.51 2.15
N GLY B 277 -30.65 20.98 1.36
CA GLY B 277 -30.28 20.27 0.15
C GLY B 277 -29.70 18.89 0.41
N LEU B 278 -30.14 18.25 1.49
CA LEU B 278 -29.65 16.93 1.86
C LEU B 278 -29.94 15.87 0.80
N ALA B 279 -31.10 15.98 0.16
CA ALA B 279 -31.49 15.02 -0.87
C ALA B 279 -30.51 15.00 -2.04
N HIS B 280 -29.93 16.14 -2.34
CA HIS B 280 -28.98 16.25 -3.45
C HIS B 280 -27.75 15.35 -3.26
N PHE B 281 -27.36 15.12 -2.00
CA PHE B 281 -26.21 14.27 -1.72
C PHE B 281 -26.45 12.83 -2.17
N GLY B 282 -27.54 12.23 -1.70
CA GLY B 282 -27.84 10.87 -2.10
C GLY B 282 -27.96 10.78 -3.62
N GLU B 283 -28.50 11.84 -4.22
CA GLU B 283 -28.66 11.87 -5.67
C GLU B 283 -27.32 11.83 -6.39
N MSE B 284 -26.38 12.66 -5.94
CA MSE B 284 -25.04 12.71 -6.55
C MSE B 284 -24.35 11.36 -6.37
O MSE B 284 -23.64 10.89 -7.27
CB MSE B 284 -24.21 13.84 -5.93
CG MSE B 284 -24.63 15.25 -6.41
SE MSE B 284 -23.55 16.60 -5.88
CE MSE B 284 -24.08 16.71 -4.13
N LEU B 285 -24.54 10.73 -5.21
CA LEU B 285 -23.92 9.44 -4.95
C LEU B 285 -24.53 8.38 -5.87
N ARG B 286 -25.80 8.58 -6.22
CA ARG B 286 -26.50 7.66 -7.11
C ARG B 286 -25.87 7.80 -8.51
N GLU B 287 -25.49 9.03 -8.85
CA GLU B 287 -24.85 9.30 -10.13
C GLU B 287 -23.52 8.56 -10.17
N ALA B 288 -22.77 8.63 -9.08
CA ALA B 288 -21.47 7.96 -8.97
C ALA B 288 -21.65 6.46 -9.18
N ASP B 289 -22.69 5.91 -8.55
CA ASP B 289 -22.97 4.49 -8.67
C ASP B 289 -23.18 4.11 -10.15
N ALA B 290 -23.89 4.97 -10.87
CA ALA B 290 -24.16 4.74 -12.28
C ALA B 290 -22.85 4.69 -13.06
N LEU B 291 -21.92 5.57 -12.71
CA LEU B 291 -20.63 5.63 -13.39
C LEU B 291 -19.79 4.39 -13.05
N VAL B 292 -19.91 3.90 -11.83
CA VAL B 292 -19.17 2.72 -11.43
C VAL B 292 -19.69 1.50 -12.21
N GLN B 293 -21.01 1.38 -12.29
CA GLN B 293 -21.64 0.27 -12.99
C GLN B 293 -21.21 0.19 -14.45
N THR B 294 -21.07 1.35 -15.08
CA THR B 294 -20.67 1.41 -16.48
C THR B 294 -19.15 1.44 -16.65
N GLY B 295 -18.44 1.20 -15.55
CA GLY B 295 -16.98 1.18 -15.59
C GLY B 295 -16.28 2.48 -15.92
N LYS B 296 -16.93 3.61 -15.65
CA LYS B 296 -16.34 4.91 -15.94
C LYS B 296 -15.81 5.62 -14.69
N LEU B 297 -16.02 5.00 -13.53
CA LEU B 297 -15.56 5.58 -12.27
C LEU B 297 -14.93 4.54 -11.36
N ALA B 298 -13.70 4.81 -10.95
CA ALA B 298 -12.97 3.92 -10.05
C ALA B 298 -12.23 4.79 -9.05
N PRO B 299 -12.52 4.61 -7.76
CA PRO B 299 -11.84 5.41 -6.75
C PRO B 299 -10.36 5.05 -6.67
N ARG B 300 -9.52 6.03 -6.38
CA ARG B 300 -8.11 5.76 -6.23
C ARG B 300 -7.95 5.46 -4.75
N LEU B 301 -7.66 4.21 -4.44
CA LEU B 301 -7.52 3.77 -3.07
C LEU B 301 -6.12 3.27 -2.74
N ASP B 302 -5.47 3.92 -1.79
CA ASP B 302 -4.14 3.50 -1.37
C ASP B 302 -4.31 2.08 -0.83
N PRO B 303 -3.41 1.14 -1.19
CA PRO B 303 -3.42 -0.27 -0.78
C PRO B 303 -3.28 -0.56 0.71
N ARG B 304 -2.77 0.41 1.46
CA ARG B 304 -2.58 0.23 2.90
C ARG B 304 -3.90 0.14 3.66
N THR B 305 -3.89 -0.65 4.73
CA THR B 305 -5.07 -0.81 5.57
C THR B 305 -4.77 -0.30 6.97
N PHE B 306 -5.83 0.16 7.65
CA PHE B 306 -5.73 0.68 9.00
C PHE B 306 -6.98 0.30 9.76
N SER B 307 -6.81 -0.32 10.93
CA SER B 307 -7.95 -0.71 11.75
C SER B 307 -8.39 0.52 12.54
N ILE B 308 -9.51 0.40 13.25
CA ILE B 308 -10.00 1.53 14.03
C ILE B 308 -8.99 1.92 15.11
N ALA B 309 -8.02 1.04 15.35
CA ALA B 309 -6.99 1.30 16.35
C ALA B 309 -5.75 1.98 15.76
N GLU B 310 -5.71 2.12 14.43
CA GLU B 310 -4.56 2.72 13.78
C GLU B 310 -4.92 3.99 13.01
N ILE B 311 -5.92 4.72 13.50
CA ILE B 311 -6.36 5.94 12.83
C ILE B 311 -5.27 7.01 12.79
N GLY B 312 -4.47 7.11 13.85
CA GLY B 312 -3.40 8.09 13.86
C GLY B 312 -2.43 7.84 12.71
N SER B 313 -2.10 6.58 12.49
CA SER B 313 -1.20 6.20 11.41
C SER B 313 -1.87 6.46 10.07
N ALA B 314 -3.20 6.29 10.03
CA ALA B 314 -3.96 6.54 8.82
C ALA B 314 -3.72 7.97 8.34
N TYR B 315 -3.85 8.93 9.25
CA TYR B 315 -3.64 10.33 8.88
C TYR B 315 -2.17 10.68 8.66
N ASP B 316 -1.26 9.91 9.24
CA ASP B 316 0.15 10.18 9.01
C ASP B 316 0.38 9.89 7.54
N ALA B 317 -0.34 8.89 7.02
CA ALA B 317 -0.24 8.50 5.62
C ALA B 317 -0.94 9.52 4.73
N VAL B 318 -2.10 10.00 5.16
CA VAL B 318 -2.85 11.00 4.39
C VAL B 318 -2.00 12.25 4.17
N LEU B 319 -1.25 12.65 5.19
CA LEU B 319 -0.42 13.84 5.13
C LEU B 319 1.05 13.57 4.87
N GLY B 320 1.42 12.29 4.83
CA GLY B 320 2.81 11.94 4.62
C GLY B 320 3.69 12.52 5.70
N ARG B 321 3.27 12.38 6.96
CA ARG B 321 4.03 12.89 8.09
C ARG B 321 4.68 11.77 8.89
N ASN B 322 5.50 12.16 9.87
CA ASN B 322 6.21 11.20 10.71
C ASN B 322 6.91 10.14 9.87
N ASP B 323 7.41 10.58 8.72
CA ASP B 323 8.16 9.74 7.78
C ASP B 323 7.44 8.61 7.03
N VAL B 324 6.12 8.64 6.99
CA VAL B 324 5.38 7.61 6.26
C VAL B 324 5.06 8.16 4.87
N PRO B 325 5.21 7.34 3.83
CA PRO B 325 4.93 7.79 2.47
C PRO B 325 3.54 8.42 2.39
N ARG B 326 3.42 9.50 1.61
CA ARG B 326 2.14 10.18 1.45
C ARG B 326 1.15 9.21 0.78
N GLN B 327 -0.14 9.41 1.04
CA GLN B 327 -1.15 8.56 0.42
C GLN B 327 -1.05 8.62 -1.09
N ARG B 328 -1.28 7.48 -1.73
CA ARG B 328 -1.27 7.37 -3.18
C ARG B 328 -2.71 6.92 -3.44
N GLY B 329 -3.58 7.90 -3.61
CA GLY B 329 -4.98 7.59 -3.76
C GLY B 329 -5.45 7.93 -2.36
N LYS B 330 -6.66 7.57 -1.98
CA LYS B 330 -7.12 7.92 -0.64
C LYS B 330 -6.98 6.79 0.38
N ILE B 331 -6.98 7.17 1.65
CA ILE B 331 -6.85 6.25 2.77
C ILE B 331 -8.19 5.89 3.40
N ALA B 332 -8.49 4.59 3.50
CA ALA B 332 -9.73 4.14 4.13
C ALA B 332 -9.38 3.38 5.41
N ILE B 333 -10.20 3.57 6.44
CA ILE B 333 -10.02 2.90 7.72
C ILE B 333 -11.00 1.75 7.80
N THR B 334 -10.50 0.56 8.11
CA THR B 334 -11.38 -0.59 8.24
C THR B 334 -11.87 -0.66 9.68
N VAL B 335 -13.12 -0.24 9.87
CA VAL B 335 -13.74 -0.26 11.19
C VAL B 335 -14.17 -1.68 11.54
N GLU B 336 -14.90 -2.31 10.62
CA GLU B 336 -15.38 -3.66 10.80
C GLU B 336 -15.09 -4.48 9.53
CA CA C . 12.82 -18.68 -2.90
CA CA D . -7.68 13.48 -0.48
#